data_7Y28
#
_entry.id   7Y28
#
_cell.length_a   71.563
_cell.length_b   92.380
_cell.length_c   86.059
_cell.angle_alpha   90.000
_cell.angle_beta   108.720
_cell.angle_gamma   90.000
#
_symmetry.space_group_name_H-M   'P 1 21 1'
#
loop_
_entity.id
_entity.type
_entity.pdbx_description
1 polymer 'Bifunctional glutamate/proline--tRNA ligase'
2 non-polymer 1-[6-(3-fluorophenyl)benzimidazol-1-yl]-3-[(2R,3S)-3-oxidanylpiperidin-2-yl]propan-2-one
3 non-polymer "ADENOSINE-5'-TRIPHOSPHATE"
4 non-polymer 'ZINC ION'
5 non-polymer 'MAGNESIUM ION'
6 water water
#
_entity_poly.entity_id   1
_entity_poly.type   'polypeptide(L)'
_entity_poly.pdbx_seq_one_letter_code
;LEAKKEENLADWYSQVITKSEMIEYHDISGCYILRPWAYAIWEAIKDFFDAEIKKLGVENCYFPMFVSQSALEKEKTHVA
DFAPEVAWVTRSGKTELAEPIAIRPTSETVMYPAYAKWVQSHRDLPIKLNQWCNVVRWEFKHPQPFLRTREFLWQEGHSA
FATMEEAAEEVLQILDLYAQVYEELLAIPVVKGRKTEKEKFAGGDYTTTIEAFISASGRAIQGGTSHHLGQNFSKMFEIV
FEDPKIPGEKQFAYQNSWGLTTRTIGVMTMVHGDNMGLVLPPRVACVQVVIIPCGITNALSEEDKEALIAKCNDYRRRLL
SVNIRVRADLRDNYSPGWKFNHWELKGVPIRLEVGPRDMKSCQFVAVRRDTGEKLTVAENEAETKLQAILEDIQVTLFTR
ASEDLKTHMVVANTMEDFQKILDSGKIVQIPFCGEIDCEDWIKKTTARDQDLEPGAPSMGAKSLCIPFKPLCELQPGAKC
VCGKNPAKYYTLFGRSY
;
_entity_poly.pdbx_strand_id   A,B
#
# COMPACT_ATOMS: atom_id res chain seq x y z
N LEU A 1 -29.45 4.59 -13.39
CA LEU A 1 -28.53 5.00 -14.45
C LEU A 1 -29.32 5.56 -15.62
N GLU A 2 -28.84 6.65 -16.21
CA GLU A 2 -29.59 7.35 -17.22
C GLU A 2 -28.98 7.20 -18.60
N ALA A 3 -27.66 7.43 -18.71
CA ALA A 3 -27.01 7.29 -19.99
C ALA A 3 -26.92 5.82 -20.38
N LYS A 4 -26.70 5.59 -21.66
CA LYS A 4 -26.54 4.23 -22.17
C LYS A 4 -25.15 4.10 -22.78
N LYS A 5 -24.55 2.93 -22.54
CA LYS A 5 -23.14 2.71 -22.82
C LYS A 5 -22.85 2.88 -24.32
N GLU A 6 -23.72 2.33 -25.15
CA GLU A 6 -23.65 2.32 -26.61
C GLU A 6 -23.77 3.69 -27.28
N GLU A 7 -24.33 4.69 -26.61
CA GLU A 7 -24.67 5.94 -27.29
C GLU A 7 -23.66 7.04 -26.96
N ASN A 8 -23.46 7.28 -25.68
CA ASN A 8 -22.46 8.23 -25.19
C ASN A 8 -21.62 7.52 -24.14
N LEU A 9 -20.43 7.08 -24.53
CA LEU A 9 -19.62 6.22 -23.66
C LEU A 9 -19.12 6.99 -22.45
N ALA A 10 -18.64 8.21 -22.65
CA ALA A 10 -18.04 8.99 -21.57
C ALA A 10 -19.02 9.20 -20.42
N ASP A 11 -20.23 9.68 -20.73
CA ASP A 11 -21.17 10.00 -19.66
C ASP A 11 -21.69 8.75 -18.99
N TRP A 12 -21.91 7.68 -19.76
CA TRP A 12 -22.22 6.40 -19.14
C TRP A 12 -21.11 6.00 -18.19
N TYR A 13 -19.86 6.15 -18.63
CA TYR A 13 -18.73 5.84 -17.77
C TYR A 13 -18.69 6.77 -16.57
N SER A 14 -18.85 8.05 -16.81
CA SER A 14 -18.88 8.99 -15.70
C SER A 14 -20.00 8.64 -14.72
N GLN A 15 -21.14 8.19 -15.22
CA GLN A 15 -22.23 7.94 -14.27
C GLN A 15 -22.19 6.54 -13.64
N VAL A 16 -21.49 5.58 -14.24
CA VAL A 16 -21.32 4.26 -13.62
C VAL A 16 -20.32 4.35 -12.48
N ILE A 17 -19.19 5.03 -12.71
CA ILE A 17 -18.16 5.04 -11.69
C ILE A 17 -18.61 5.82 -10.47
N THR A 18 -19.44 6.88 -10.66
CA THR A 18 -19.88 7.71 -9.53
C THR A 18 -21.05 7.07 -8.79
N LYS A 19 -22.11 6.67 -9.49
CA LYS A 19 -23.29 6.12 -8.84
C LYS A 19 -23.02 4.72 -8.30
N SER A 20 -21.95 4.07 -8.71
CA SER A 20 -21.53 2.86 -8.04
C SER A 20 -20.67 3.16 -6.82
N GLU A 21 -20.34 4.43 -6.59
CA GLU A 21 -19.55 4.86 -5.42
C GLU A 21 -18.08 4.43 -5.54
N MET A 22 -17.57 4.33 -6.76
CA MET A 22 -16.17 4.00 -6.97
C MET A 22 -15.31 5.25 -6.89
N ILE A 23 -15.76 6.33 -7.52
CA ILE A 23 -14.98 7.56 -7.74
C ILE A 23 -15.77 8.75 -7.17
N GLU A 24 -15.07 9.63 -6.46
CA GLU A 24 -15.50 11.00 -6.19
C GLU A 24 -14.53 11.96 -6.87
N TYR A 25 -15.06 13.06 -7.41
CA TYR A 25 -14.23 14.01 -8.11
C TYR A 25 -13.48 14.91 -7.14
N HIS A 26 -12.37 15.48 -7.63
CA HIS A 26 -11.50 16.34 -6.84
C HIS A 26 -11.34 17.65 -7.60
N ASP A 27 -10.81 18.68 -6.95
CA ASP A 27 -10.71 19.96 -7.61
C ASP A 27 -9.39 20.15 -8.35
N ILE A 28 -8.56 19.12 -8.42
CA ILE A 28 -7.34 19.16 -9.23
C ILE A 28 -7.58 18.28 -10.43
N SER A 29 -7.44 18.86 -11.62
CA SER A 29 -7.75 18.17 -12.86
C SER A 29 -6.98 16.84 -12.96
N GLY A 30 -7.71 15.79 -13.29
CA GLY A 30 -7.11 14.50 -13.46
C GLY A 30 -6.77 13.78 -12.18
N CYS A 31 -7.27 14.25 -11.04
CA CYS A 31 -7.08 13.56 -9.77
C CYS A 31 -8.43 13.07 -9.26
N TYR A 32 -8.47 11.86 -8.73
CA TYR A 32 -9.75 11.27 -8.35
C TYR A 32 -9.63 10.49 -7.05
N ILE A 33 -10.72 10.54 -6.26
CA ILE A 33 -10.87 9.79 -5.03
C ILE A 33 -11.24 8.35 -5.34
N LEU A 34 -10.54 7.41 -4.73
CA LEU A 34 -10.86 5.99 -4.84
C LEU A 34 -11.64 5.63 -3.59
N ARG A 35 -12.93 5.43 -3.74
CA ARG A 35 -13.74 5.11 -2.59
C ARG A 35 -13.68 3.61 -2.36
N PRO A 36 -14.08 3.13 -1.18
CA PRO A 36 -13.86 1.71 -0.85
C PRO A 36 -14.26 0.73 -1.93
N TRP A 37 -15.31 1.03 -2.69
CA TRP A 37 -15.85 0.08 -3.68
C TRP A 37 -14.86 -0.19 -4.80
N ALA A 38 -14.09 0.84 -5.19
CA ALA A 38 -13.05 0.73 -6.19
C ALA A 38 -11.73 0.36 -5.57
N TYR A 39 -11.42 0.94 -4.41
CA TYR A 39 -10.15 0.60 -3.76
C TYR A 39 -10.07 -0.86 -3.36
N ALA A 40 -11.21 -1.50 -3.07
CA ALA A 40 -11.15 -2.89 -2.66
C ALA A 40 -10.71 -3.78 -3.80
N ILE A 41 -10.95 -3.33 -5.04
CA ILE A 41 -10.53 -4.07 -6.21
C ILE A 41 -9.01 -4.00 -6.35
N TRP A 42 -8.46 -2.79 -6.25
CA TRP A 42 -7.02 -2.63 -6.21
C TRP A 42 -6.40 -3.54 -5.15
N GLU A 43 -7.00 -3.58 -3.95
CA GLU A 43 -6.47 -4.45 -2.91
C GLU A 43 -6.54 -5.91 -3.33
N ALA A 44 -7.58 -6.30 -4.07
CA ALA A 44 -7.66 -7.68 -4.55
C ALA A 44 -6.55 -7.97 -5.58
N ILE A 45 -6.34 -7.06 -6.54
CA ILE A 45 -5.23 -7.23 -7.48
C ILE A 45 -3.91 -7.29 -6.74
N LYS A 46 -3.74 -6.41 -5.75
CA LYS A 46 -2.53 -6.36 -4.97
C LYS A 46 -2.27 -7.72 -4.29
N ASP A 47 -3.32 -8.29 -3.70
CA ASP A 47 -3.14 -9.54 -2.97
C ASP A 47 -2.68 -10.64 -3.90
N PHE A 48 -3.25 -10.71 -5.09
CA PHE A 48 -2.89 -11.78 -6.01
C PHE A 48 -1.44 -11.62 -6.48
N PHE A 49 -1.15 -10.49 -7.15
CA PHE A 49 0.16 -10.20 -7.71
C PHE A 49 1.27 -10.35 -6.68
N ASP A 50 1.01 -9.88 -5.47
CA ASP A 50 1.99 -9.94 -4.39
C ASP A 50 2.37 -11.38 -4.09
N ALA A 51 1.37 -12.25 -3.98
CA ALA A 51 1.65 -13.67 -3.80
C ALA A 51 2.50 -14.19 -4.93
N GLU A 52 2.15 -13.83 -6.16
CA GLU A 52 2.80 -14.43 -7.30
C GLU A 52 4.26 -14.02 -7.38
N ILE A 53 4.55 -12.71 -7.25
CA ILE A 53 5.93 -12.27 -7.36
C ILE A 53 6.73 -12.70 -6.14
N LYS A 54 6.05 -13.10 -5.07
CA LYS A 54 6.77 -13.65 -3.92
C LYS A 54 7.36 -15.02 -4.27
N LYS A 55 6.66 -15.81 -5.09
CA LYS A 55 7.23 -17.06 -5.56
C LYS A 55 8.39 -16.84 -6.52
N LEU A 56 8.39 -15.75 -7.27
CA LEU A 56 9.52 -15.46 -8.13
C LEU A 56 10.71 -14.89 -7.37
N GLY A 57 10.60 -14.75 -6.05
CA GLY A 57 11.69 -14.23 -5.22
C GLY A 57 11.76 -12.72 -5.12
N VAL A 58 10.74 -12.01 -5.60
CA VAL A 58 10.68 -10.55 -5.52
C VAL A 58 10.25 -10.11 -4.12
N GLU A 59 10.89 -9.06 -3.62
CA GLU A 59 10.58 -8.53 -2.31
C GLU A 59 10.07 -7.10 -2.43
N ASN A 60 9.19 -6.72 -1.50
CA ASN A 60 8.57 -5.40 -1.47
C ASN A 60 9.41 -4.45 -0.61
N CYS A 61 9.37 -3.18 -0.99
CA CYS A 61 10.12 -2.12 -0.33
C CYS A 61 9.38 -0.80 -0.56
N TYR A 62 10.00 0.31 -0.15
CA TYR A 62 9.45 1.63 -0.47
C TYR A 62 10.60 2.62 -0.63
N PHE A 63 10.74 3.19 -1.86
CA PHE A 63 11.76 4.21 -2.10
C PHE A 63 11.13 5.59 -2.06
N PRO A 64 11.94 6.62 -1.77
CA PRO A 64 11.43 8.00 -1.68
C PRO A 64 10.71 8.43 -2.95
N MET A 65 9.73 9.30 -2.76
CA MET A 65 9.00 9.90 -3.88
C MET A 65 9.78 11.06 -4.48
N PHE A 66 10.71 11.63 -3.73
CA PHE A 66 11.42 12.79 -4.23
C PHE A 66 12.69 12.35 -4.95
N VAL A 67 12.92 12.97 -6.13
CA VAL A 67 14.12 12.81 -6.92
C VAL A 67 14.86 14.14 -6.95
N SER A 68 16.16 14.11 -6.67
CA SER A 68 16.91 15.35 -6.69
C SER A 68 17.05 15.85 -8.12
N GLN A 69 17.15 17.17 -8.25
CA GLN A 69 17.46 17.77 -9.55
C GLN A 69 18.77 17.23 -10.11
N SER A 70 19.78 17.07 -9.24
CA SER A 70 21.10 16.67 -9.71
C SER A 70 21.20 15.18 -10.00
N ALA A 71 20.33 14.34 -9.43
CA ALA A 71 20.29 12.93 -9.83
C ALA A 71 19.54 12.76 -11.14
N LEU A 72 18.60 13.65 -11.42
CA LEU A 72 17.92 13.67 -12.71
C LEU A 72 18.78 14.29 -13.78
N GLU A 73 19.77 15.08 -13.39
CA GLU A 73 20.63 15.71 -14.39
C GLU A 73 21.79 14.82 -14.81
N LYS A 74 22.23 13.88 -13.95
CA LYS A 74 23.32 12.99 -14.33
C LYS A 74 23.02 12.08 -15.53
N GLU A 75 22.04 11.19 -15.40
CA GLU A 75 21.84 10.19 -16.43
C GLU A 75 20.82 10.64 -17.47
N LYS A 76 20.80 9.95 -18.61
CA LYS A 76 19.73 10.13 -19.59
C LYS A 76 18.88 8.86 -19.57
N THR A 77 17.89 8.84 -18.67
CA THR A 77 16.97 7.71 -18.53
C THR A 77 15.72 7.85 -19.38
N HIS A 78 15.53 9.00 -20.02
CA HIS A 78 14.29 9.30 -20.74
C HIS A 78 14.59 10.30 -21.83
N VAL A 79 13.80 10.23 -22.91
CA VAL A 79 13.90 11.18 -24.00
C VAL A 79 13.20 12.49 -23.61
N ALA A 80 13.51 13.56 -24.35
CA ALA A 80 13.15 14.92 -23.94
C ALA A 80 11.66 15.16 -23.84
N ASP A 81 10.83 14.40 -24.57
CA ASP A 81 9.41 14.66 -24.52
C ASP A 81 8.80 14.31 -23.16
N PHE A 82 9.44 13.43 -22.39
CA PHE A 82 8.86 13.09 -21.10
C PHE A 82 9.13 14.13 -20.01
N ALA A 83 10.04 15.07 -20.24
CA ALA A 83 10.34 16.07 -19.20
C ALA A 83 9.14 16.93 -18.78
N PRO A 84 8.19 17.29 -19.66
CA PRO A 84 7.05 18.13 -19.22
C PRO A 84 6.16 17.46 -18.18
N GLU A 85 6.11 16.13 -18.16
CA GLU A 85 5.19 15.37 -17.31
C GLU A 85 5.66 15.33 -15.85
N VAL A 86 6.72 16.05 -15.50
CA VAL A 86 7.36 15.96 -14.19
C VAL A 86 6.94 17.17 -13.37
N ALA A 87 6.35 16.91 -12.19
CA ALA A 87 5.91 17.93 -11.25
C ALA A 87 7.04 18.28 -10.29
N TRP A 88 7.30 19.59 -10.12
CA TRP A 88 8.43 20.04 -9.31
C TRP A 88 7.96 20.76 -8.07
N VAL A 89 8.58 20.42 -6.95
CA VAL A 89 8.43 21.13 -5.68
C VAL A 89 9.50 22.21 -5.67
N THR A 90 9.08 23.47 -5.50
CA THR A 90 10.03 24.57 -5.55
C THR A 90 10.08 25.39 -4.28
N ARG A 91 9.22 25.11 -3.30
CA ARG A 91 9.28 25.83 -2.03
C ARG A 91 8.58 25.02 -0.95
N SER A 92 9.01 25.23 0.30
CA SER A 92 8.26 24.79 1.47
C SER A 92 7.65 26.02 2.14
N GLY A 93 6.35 25.99 2.33
CA GLY A 93 5.63 27.15 2.79
C GLY A 93 5.97 28.31 1.87
N LYS A 94 6.51 29.38 2.45
CA LYS A 94 6.91 30.54 1.66
C LYS A 94 8.37 30.49 1.22
N THR A 95 9.19 29.63 1.81
CA THR A 95 10.63 29.63 1.54
C THR A 95 10.94 28.79 0.31
N GLU A 96 11.38 29.46 -0.76
CA GLU A 96 11.83 28.79 -1.96
C GLU A 96 13.01 27.89 -1.64
N LEU A 97 12.99 26.67 -2.15
CA LEU A 97 14.09 25.77 -1.90
C LEU A 97 15.29 26.15 -2.77
N ALA A 98 16.49 25.92 -2.22
CA ALA A 98 17.71 26.19 -2.97
C ALA A 98 17.72 25.42 -4.28
N GLU A 99 17.53 24.11 -4.20
CA GLU A 99 17.35 23.38 -5.44
C GLU A 99 15.98 22.71 -5.46
N PRO A 100 15.31 22.72 -6.61
CA PRO A 100 14.00 22.08 -6.71
C PRO A 100 14.12 20.56 -6.76
N ILE A 101 13.04 19.93 -6.35
CA ILE A 101 12.93 18.49 -6.15
C ILE A 101 11.76 18.01 -6.99
N ALA A 102 11.93 16.89 -7.65
CA ALA A 102 10.88 16.40 -8.53
C ALA A 102 10.12 15.26 -7.87
N ILE A 103 8.86 15.16 -8.26
CA ILE A 103 7.94 14.12 -7.82
C ILE A 103 8.08 12.93 -8.75
N ARG A 104 8.39 11.77 -8.18
CA ARG A 104 8.59 10.53 -8.92
C ARG A 104 7.55 10.40 -10.05
N PRO A 105 7.96 10.36 -11.34
CA PRO A 105 7.05 9.83 -12.37
C PRO A 105 7.24 8.36 -12.72
N THR A 106 8.34 7.82 -12.17
CA THR A 106 8.78 6.45 -12.27
C THR A 106 10.06 6.47 -11.42
N SER A 107 10.58 5.31 -10.99
CA SER A 107 11.59 5.37 -9.93
C SER A 107 13.02 4.94 -10.35
N GLU A 108 13.31 4.84 -11.66
CA GLU A 108 14.68 4.41 -12.09
C GLU A 108 15.77 5.24 -11.45
N THR A 109 15.66 6.57 -11.54
CA THR A 109 16.66 7.48 -10.98
C THR A 109 16.73 7.45 -9.47
N VAL A 110 15.70 6.93 -8.79
CA VAL A 110 15.72 6.90 -7.33
C VAL A 110 16.35 5.60 -6.86
N MET A 111 16.04 4.52 -7.56
CA MET A 111 16.48 3.19 -7.18
C MET A 111 17.89 2.84 -7.68
N TYR A 112 18.19 3.09 -8.94
CA TYR A 112 19.42 2.53 -9.48
C TYR A 112 20.70 3.09 -8.83
N PRO A 113 20.75 4.35 -8.38
CA PRO A 113 21.91 4.76 -7.56
C PRO A 113 22.10 3.91 -6.32
N ALA A 114 21.02 3.36 -5.75
CA ALA A 114 21.16 2.45 -4.63
C ALA A 114 21.62 1.09 -5.09
N TYR A 115 21.07 0.59 -6.20
CA TYR A 115 21.51 -0.67 -6.75
C TYR A 115 23.03 -0.69 -6.94
N ALA A 116 23.57 0.41 -7.49
CA ALA A 116 25.01 0.53 -7.68
C ALA A 116 25.78 0.37 -6.36
N LYS A 117 25.24 0.88 -5.26
CA LYS A 117 25.98 0.69 -4.00
C LYS A 117 25.75 -0.69 -3.40
N TRP A 118 24.59 -1.30 -3.63
CA TRP A 118 24.40 -2.62 -3.04
C TRP A 118 25.18 -3.70 -3.76
N VAL A 119 25.51 -3.49 -5.02
CA VAL A 119 26.11 -4.54 -5.86
C VAL A 119 27.62 -4.33 -5.86
N GLN A 120 28.33 -5.14 -5.06
CA GLN A 120 29.78 -5.08 -5.06
C GLN A 120 30.46 -6.37 -5.53
N SER A 121 29.71 -7.44 -5.77
CA SER A 121 30.24 -8.72 -6.23
C SER A 121 29.08 -9.55 -6.74
N HIS A 122 29.40 -10.67 -7.37
CA HIS A 122 28.38 -11.53 -7.97
C HIS A 122 27.43 -12.17 -6.96
N ARG A 123 27.80 -12.28 -5.69
CA ARG A 123 26.86 -12.91 -4.77
C ARG A 123 25.77 -11.95 -4.34
N ASP A 124 25.98 -10.63 -4.52
CA ASP A 124 24.94 -9.62 -4.33
C ASP A 124 23.87 -9.66 -5.42
N LEU A 125 24.02 -10.45 -6.48
CA LEU A 125 22.91 -10.51 -7.40
C LEU A 125 22.20 -11.87 -7.31
N PRO A 126 20.91 -11.95 -7.71
CA PRO A 126 20.02 -10.88 -8.22
C PRO A 126 19.45 -9.97 -7.14
N ILE A 127 19.11 -8.74 -7.53
CA ILE A 127 18.28 -7.83 -6.75
C ILE A 127 16.91 -7.82 -7.41
N LYS A 128 15.87 -8.13 -6.63
CA LYS A 128 14.49 -8.18 -7.12
C LYS A 128 13.61 -7.39 -6.16
N LEU A 129 13.32 -6.13 -6.47
CA LEU A 129 12.53 -5.28 -5.59
C LEU A 129 11.27 -4.81 -6.29
N ASN A 130 10.17 -4.78 -5.54
CA ASN A 130 8.88 -4.25 -5.99
C ASN A 130 8.35 -3.21 -5.01
N GLN A 131 7.60 -2.24 -5.53
CA GLN A 131 6.93 -1.29 -4.64
C GLN A 131 5.56 -0.94 -5.19
N TRP A 132 4.58 -0.93 -4.25
CA TRP A 132 3.28 -0.32 -4.46
C TRP A 132 3.38 1.13 -3.99
N CYS A 133 3.04 2.07 -4.87
CA CYS A 133 3.27 3.47 -4.53
C CYS A 133 2.46 4.34 -5.46
N ASN A 134 2.45 5.64 -5.18
CA ASN A 134 1.73 6.57 -6.01
C ASN A 134 2.71 7.27 -6.93
N VAL A 135 2.22 7.68 -8.09
CA VAL A 135 3.10 8.26 -9.09
C VAL A 135 2.35 9.42 -9.75
N VAL A 136 3.11 10.43 -10.17
CA VAL A 136 2.55 11.65 -10.73
C VAL A 136 3.11 11.79 -12.13
N ARG A 137 2.22 11.92 -13.11
CA ARG A 137 2.61 12.23 -14.48
C ARG A 137 1.68 13.30 -15.01
N TRP A 138 2.21 14.47 -15.34
CA TRP A 138 1.36 15.59 -15.71
C TRP A 138 0.82 15.41 -17.11
N GLU A 139 -0.12 14.50 -17.27
CA GLU A 139 -0.53 14.04 -18.59
C GLU A 139 -1.11 15.18 -19.43
N PHE A 140 -0.74 15.16 -20.71
CA PHE A 140 -1.24 16.11 -21.71
C PHE A 140 -2.55 15.63 -22.31
N LYS A 141 -2.61 14.34 -22.60
CA LYS A 141 -3.78 13.64 -23.11
C LYS A 141 -4.92 13.85 -22.14
N HIS A 142 -6.11 13.63 -22.59
CA HIS A 142 -7.27 13.99 -21.80
C HIS A 142 -7.39 13.02 -20.62
N PRO A 143 -7.47 13.50 -19.38
CA PRO A 143 -7.51 12.57 -18.24
C PRO A 143 -8.90 11.97 -18.04
N GLN A 144 -8.92 10.68 -17.65
CA GLN A 144 -10.17 9.94 -17.38
C GLN A 144 -9.98 9.05 -16.16
N PRO A 145 -10.97 8.95 -15.27
CA PRO A 145 -10.75 8.07 -14.13
C PRO A 145 -10.38 6.69 -14.62
N PHE A 146 -9.30 6.26 -14.04
CA PHE A 146 -8.47 5.08 -13.87
C PHE A 146 -7.78 4.75 -15.17
N LEU A 147 -8.24 5.34 -16.28
CA LEU A 147 -7.56 5.17 -17.57
C LEU A 147 -6.27 5.95 -17.69
N ARG A 148 -6.38 7.25 -17.42
CA ARG A 148 -5.30 8.20 -17.59
C ARG A 148 -5.49 9.29 -16.53
N THR A 149 -4.80 9.15 -15.42
CA THR A 149 -4.95 10.09 -14.33
C THR A 149 -3.59 10.70 -14.08
N ARG A 150 -3.58 11.87 -13.49
CA ARG A 150 -2.33 12.57 -13.28
C ARG A 150 -1.57 12.01 -12.09
N GLU A 151 -2.29 11.59 -11.06
CA GLU A 151 -1.73 10.79 -9.99
C GLU A 151 -2.34 9.40 -10.13
N PHE A 152 -1.54 8.35 -9.98
CA PHE A 152 -2.11 7.01 -9.98
C PHE A 152 -1.39 6.13 -8.99
N LEU A 153 -2.00 4.98 -8.72
CA LEU A 153 -1.37 3.95 -7.91
C LEU A 153 -0.82 2.89 -8.84
N TRP A 154 0.33 2.33 -8.47
CA TRP A 154 0.87 1.29 -9.32
C TRP A 154 1.75 0.39 -8.49
N GLN A 155 2.24 -0.62 -9.15
CA GLN A 155 3.35 -1.43 -8.69
C GLN A 155 4.42 -1.22 -9.74
N GLU A 156 5.65 -0.95 -9.33
CA GLU A 156 6.77 -0.98 -10.25
C GLU A 156 7.83 -1.92 -9.71
N GLY A 157 8.22 -2.90 -10.53
CA GLY A 157 9.22 -3.88 -10.15
C GLY A 157 10.52 -3.56 -10.88
N HIS A 158 11.63 -3.69 -10.17
CA HIS A 158 12.94 -3.40 -10.74
C HIS A 158 13.91 -4.48 -10.29
N SER A 159 14.43 -5.25 -11.24
CA SER A 159 15.30 -6.36 -10.91
C SER A 159 16.61 -6.27 -11.68
N ALA A 160 17.67 -6.75 -11.04
CA ALA A 160 19.02 -6.67 -11.58
C ALA A 160 19.64 -8.06 -11.53
N PHE A 161 20.28 -8.46 -12.64
CA PHE A 161 20.72 -9.83 -12.82
C PHE A 161 22.17 -9.91 -13.32
N ALA A 162 22.82 -11.03 -12.97
CA ALA A 162 24.19 -11.29 -13.43
C ALA A 162 24.24 -11.66 -14.90
N THR A 163 23.29 -12.44 -15.37
CA THR A 163 23.30 -12.97 -16.72
C THR A 163 22.04 -12.56 -17.47
N MET A 164 22.17 -12.53 -18.80
CA MET A 164 21.06 -12.16 -19.67
C MET A 164 19.93 -13.20 -19.64
N GLU A 165 20.24 -14.48 -19.43
CA GLU A 165 19.16 -15.45 -19.51
C GLU A 165 18.20 -15.34 -18.33
N GLU A 166 18.68 -14.86 -17.18
CA GLU A 166 17.79 -14.69 -16.05
C GLU A 166 16.81 -13.54 -16.32
N ALA A 167 17.35 -12.36 -16.65
CA ALA A 167 16.53 -11.23 -17.02
C ALA A 167 15.49 -11.58 -18.09
N ALA A 168 15.93 -12.24 -19.15
CA ALA A 168 15.00 -12.57 -20.24
C ALA A 168 13.88 -13.47 -19.78
N GLU A 169 14.14 -14.36 -18.80
CA GLU A 169 13.03 -15.18 -18.33
C GLU A 169 12.06 -14.39 -17.44
N GLU A 170 12.55 -13.48 -16.58
CA GLU A 170 11.63 -12.73 -15.73
C GLU A 170 10.64 -11.91 -16.56
N VAL A 171 11.13 -11.20 -17.59
CA VAL A 171 10.30 -10.32 -18.42
C VAL A 171 8.99 -11.00 -18.79
N LEU A 172 9.07 -12.25 -19.22
CA LEU A 172 7.88 -12.92 -19.72
C LEU A 172 7.07 -13.60 -18.63
N GLN A 173 7.72 -14.01 -17.53
CA GLN A 173 6.96 -14.51 -16.38
C GLN A 173 6.07 -13.40 -15.83
N ILE A 174 6.67 -12.22 -15.65
CA ILE A 174 5.97 -11.02 -15.19
C ILE A 174 4.84 -10.69 -16.14
N LEU A 175 5.14 -10.65 -17.43
CA LEU A 175 4.11 -10.39 -18.41
C LEU A 175 2.99 -11.39 -18.29
N ASP A 176 3.32 -12.65 -18.03
CA ASP A 176 2.23 -13.63 -17.97
C ASP A 176 1.38 -13.43 -16.72
N LEU A 177 1.97 -12.91 -15.64
CA LEU A 177 1.17 -12.56 -14.48
C LEU A 177 0.23 -11.41 -14.78
N TYR A 178 0.73 -10.37 -15.46
CA TYR A 178 -0.13 -9.29 -15.89
C TYR A 178 -1.33 -9.84 -16.64
N ALA A 179 -1.07 -10.66 -17.65
CA ALA A 179 -2.17 -11.25 -18.41
C ALA A 179 -3.07 -12.07 -17.51
N GLN A 180 -2.53 -12.63 -16.42
CA GLN A 180 -3.35 -13.36 -15.46
C GLN A 180 -4.24 -12.44 -14.63
N VAL A 181 -3.68 -11.31 -14.19
CA VAL A 181 -4.48 -10.30 -13.51
C VAL A 181 -5.67 -9.94 -14.39
N TYR A 182 -5.41 -9.75 -15.68
CA TYR A 182 -6.48 -9.36 -16.57
C TYR A 182 -7.44 -10.51 -16.84
N GLU A 183 -6.90 -11.68 -17.17
CA GLU A 183 -7.78 -12.74 -17.64
C GLU A 183 -8.39 -13.53 -16.50
N GLU A 184 -7.63 -13.78 -15.44
CA GLU A 184 -8.18 -14.57 -14.34
C GLU A 184 -8.88 -13.74 -13.26
N LEU A 185 -8.43 -12.53 -12.99
CA LEU A 185 -9.08 -11.73 -11.96
C LEU A 185 -10.18 -10.84 -12.54
N LEU A 186 -9.94 -10.19 -13.69
CA LEU A 186 -10.91 -9.25 -14.22
C LEU A 186 -11.72 -9.81 -15.37
N ALA A 187 -11.46 -11.04 -15.79
CA ALA A 187 -12.19 -11.66 -16.90
C ALA A 187 -12.09 -10.83 -18.18
N ILE A 188 -10.91 -10.26 -18.43
CA ILE A 188 -10.62 -9.51 -19.65
C ILE A 188 -9.58 -10.30 -20.45
N PRO A 189 -9.83 -10.63 -21.71
CA PRO A 189 -8.76 -11.20 -22.54
C PRO A 189 -7.79 -10.11 -22.98
N VAL A 190 -6.55 -10.52 -23.24
CA VAL A 190 -5.51 -9.59 -23.68
C VAL A 190 -4.62 -10.23 -24.74
N VAL A 191 -3.80 -9.38 -25.36
CA VAL A 191 -2.91 -9.75 -26.45
C VAL A 191 -1.49 -9.45 -25.99
N LYS A 192 -0.70 -10.50 -25.73
CA LYS A 192 0.72 -10.27 -25.46
C LYS A 192 1.47 -9.89 -26.73
N GLY A 193 2.48 -9.04 -26.57
CA GLY A 193 3.20 -8.57 -27.74
C GLY A 193 4.44 -7.79 -27.37
N ARG A 194 5.19 -7.37 -28.41
CA ARG A 194 6.35 -6.51 -28.23
C ARG A 194 6.07 -5.17 -28.88
N LYS A 195 6.49 -4.09 -28.22
CA LYS A 195 6.21 -2.78 -28.79
C LYS A 195 7.11 -2.60 -29.99
N THR A 196 6.63 -1.84 -30.96
CA THR A 196 7.48 -1.49 -32.07
C THR A 196 8.62 -0.58 -31.58
N GLU A 197 9.57 -0.30 -32.46
CA GLU A 197 10.67 0.58 -32.07
C GLU A 197 10.16 1.97 -31.71
N LYS A 198 9.09 2.43 -32.37
CA LYS A 198 8.51 3.74 -32.04
C LYS A 198 7.97 3.77 -30.62
N GLU A 199 7.21 2.73 -30.23
CA GLU A 199 6.42 2.74 -29.01
C GLU A 199 7.12 2.08 -27.82
N LYS A 200 8.30 1.50 -28.01
CA LYS A 200 8.99 0.88 -26.90
C LYS A 200 9.60 1.95 -26.00
N PHE A 201 9.89 1.57 -24.75
CA PHE A 201 10.68 2.42 -23.85
C PHE A 201 12.06 2.69 -24.46
N ALA A 202 12.33 3.96 -24.79
CA ALA A 202 13.52 4.27 -25.60
C ALA A 202 14.82 3.83 -24.94
N GLY A 203 14.90 3.88 -23.62
CA GLY A 203 16.15 3.65 -22.95
C GLY A 203 16.46 2.21 -22.62
N GLY A 204 15.53 1.30 -22.90
CA GLY A 204 15.77 -0.12 -22.71
C GLY A 204 16.04 -0.85 -24.02
N ASP A 205 16.11 -2.18 -23.91
CA ASP A 205 16.39 -3.03 -25.06
C ASP A 205 15.11 -3.36 -25.83
N TYR A 206 14.14 -3.95 -25.15
CA TYR A 206 12.86 -4.19 -25.79
C TYR A 206 11.74 -4.10 -24.75
N THR A 207 10.53 -3.86 -25.22
CA THR A 207 9.38 -3.70 -24.33
C THR A 207 8.30 -4.71 -24.71
N THR A 208 7.93 -5.58 -23.76
CA THR A 208 6.73 -6.40 -23.92
C THR A 208 5.55 -5.73 -23.20
N THR A 209 4.34 -6.09 -23.65
CA THR A 209 3.14 -5.37 -23.25
C THR A 209 1.95 -6.29 -23.46
N ILE A 210 0.87 -6.00 -22.77
CA ILE A 210 -0.41 -6.65 -23.03
C ILE A 210 -1.41 -5.57 -23.41
N GLU A 211 -2.19 -5.83 -24.45
CA GLU A 211 -3.19 -4.87 -24.91
C GLU A 211 -4.57 -5.47 -24.73
N ALA A 212 -5.51 -4.61 -24.31
CA ALA A 212 -6.91 -4.94 -24.11
C ALA A 212 -7.72 -4.11 -25.08
N PHE A 213 -8.92 -4.62 -25.41
CA PHE A 213 -9.82 -3.93 -26.32
C PHE A 213 -11.09 -3.49 -25.61
N ILE A 214 -11.47 -2.22 -25.78
CA ILE A 214 -12.73 -1.70 -25.28
C ILE A 214 -13.66 -1.54 -26.48
N SER A 215 -14.56 -2.51 -26.69
CA SER A 215 -15.46 -2.53 -27.84
C SER A 215 -16.17 -1.19 -28.02
N ALA A 216 -16.92 -0.75 -26.99
CA ALA A 216 -17.76 0.43 -27.10
C ALA A 216 -17.01 1.66 -27.59
N SER A 217 -15.70 1.70 -27.37
CA SER A 217 -14.84 2.73 -27.92
C SER A 217 -14.35 2.39 -29.31
N GLY A 218 -14.23 1.10 -29.62
CA GLY A 218 -13.37 0.68 -30.70
C GLY A 218 -11.91 0.94 -30.41
N ARG A 219 -11.57 1.14 -29.13
CA ARG A 219 -10.22 1.54 -28.75
C ARG A 219 -9.55 0.47 -27.90
N ALA A 220 -8.24 0.31 -28.14
CA ALA A 220 -7.40 -0.57 -27.34
C ALA A 220 -6.73 0.24 -26.24
N ILE A 221 -6.09 -0.46 -25.30
CA ILE A 221 -5.36 0.25 -24.24
C ILE A 221 -4.22 -0.63 -23.75
N GLN A 222 -3.08 0.01 -23.43
CA GLN A 222 -1.94 -0.66 -22.79
C GLN A 222 -2.27 -1.00 -21.34
N GLY A 223 -2.42 -2.28 -21.03
CA GLY A 223 -2.78 -2.67 -19.68
C GLY A 223 -1.64 -2.96 -18.71
N GLY A 224 -0.41 -3.05 -19.20
CA GLY A 224 0.72 -3.47 -18.39
C GLY A 224 1.96 -3.48 -19.27
N THR A 225 3.11 -3.37 -18.60
CA THR A 225 4.35 -3.16 -19.33
C THR A 225 5.48 -3.90 -18.66
N SER A 226 6.30 -4.59 -19.46
CA SER A 226 7.45 -5.29 -18.91
C SER A 226 8.65 -5.12 -19.82
N HIS A 227 9.68 -4.44 -19.34
CA HIS A 227 10.84 -4.10 -20.14
C HIS A 227 11.99 -5.02 -19.81
N HIS A 228 12.70 -5.45 -20.85
CA HIS A 228 14.10 -5.83 -20.70
C HIS A 228 14.94 -4.59 -20.96
N LEU A 229 15.73 -4.20 -19.97
CA LEU A 229 16.58 -3.02 -20.08
C LEU A 229 18.00 -3.38 -20.53
N GLY A 230 18.28 -4.66 -20.72
CA GLY A 230 19.66 -5.06 -20.98
C GLY A 230 20.56 -4.44 -19.95
N GLN A 231 21.64 -3.81 -20.42
CA GLN A 231 22.61 -3.12 -19.59
C GLN A 231 22.67 -1.61 -19.86
N ASN A 232 21.70 -1.06 -20.59
CA ASN A 232 21.70 0.39 -20.81
C ASN A 232 21.73 1.15 -19.48
N PHE A 233 21.04 0.63 -18.44
CA PHE A 233 20.94 1.38 -17.20
C PHE A 233 22.06 1.05 -16.21
N SER A 234 22.54 -0.20 -16.24
CA SER A 234 23.72 -0.57 -15.44
C SER A 234 24.96 0.21 -15.87
N LYS A 235 25.08 0.54 -17.16
CA LYS A 235 26.23 1.33 -17.60
C LYS A 235 26.07 2.79 -17.19
N MET A 236 24.88 3.36 -17.40
CA MET A 236 24.62 4.73 -16.92
C MET A 236 24.88 4.84 -15.44
N PHE A 237 24.31 3.93 -14.65
CA PHE A 237 24.31 4.06 -13.20
C PHE A 237 25.45 3.33 -12.53
N GLU A 238 26.28 2.61 -13.31
CA GLU A 238 27.47 1.90 -12.83
C GLU A 238 27.14 0.82 -11.79
N ILE A 239 26.20 -0.03 -12.14
CA ILE A 239 25.89 -1.22 -11.35
C ILE A 239 26.77 -2.33 -11.92
N VAL A 240 27.95 -2.48 -11.33
CA VAL A 240 28.99 -3.39 -11.80
C VAL A 240 29.54 -4.20 -10.64
N PHE A 241 30.07 -5.35 -10.98
CA PHE A 241 30.79 -6.19 -10.06
C PHE A 241 31.92 -6.85 -10.84
N GLU A 242 32.98 -7.22 -10.13
CA GLU A 242 34.03 -8.04 -10.73
C GLU A 242 33.74 -9.50 -10.41
N ASP A 243 33.80 -10.35 -11.44
CA ASP A 243 33.78 -11.80 -11.27
C ASP A 243 35.20 -12.31 -11.09
N PRO A 244 35.49 -13.07 -10.02
CA PRO A 244 36.89 -13.52 -9.80
C PRO A 244 37.41 -14.45 -10.88
N LYS A 245 36.53 -15.18 -11.55
CA LYS A 245 36.86 -16.16 -12.58
C LYS A 245 36.94 -15.53 -13.95
N ILE A 246 36.56 -14.26 -14.08
CA ILE A 246 36.71 -13.54 -15.33
C ILE A 246 37.53 -12.30 -15.03
N PRO A 247 38.80 -12.46 -14.71
CA PRO A 247 39.62 -11.33 -14.26
C PRO A 247 39.75 -10.28 -15.35
N GLY A 248 39.48 -9.03 -14.98
CA GLY A 248 39.73 -7.92 -15.87
C GLY A 248 38.62 -7.53 -16.84
N GLU A 249 37.46 -8.21 -16.83
CA GLU A 249 36.31 -7.72 -17.59
C GLU A 249 35.23 -7.26 -16.60
N LYS A 250 34.78 -6.00 -16.74
CA LYS A 250 33.76 -5.43 -15.87
C LYS A 250 32.38 -5.95 -16.25
N GLN A 251 31.63 -6.37 -15.26
CA GLN A 251 30.34 -7.00 -15.50
C GLN A 251 29.24 -6.00 -15.12
N PHE A 252 28.50 -5.54 -16.13
CA PHE A 252 27.35 -4.70 -15.90
C PHE A 252 26.12 -5.59 -15.78
N ALA A 253 25.29 -5.30 -14.80
CA ALA A 253 24.15 -6.16 -14.52
C ALA A 253 23.11 -6.06 -15.62
N TYR A 254 22.33 -7.12 -15.78
CA TYR A 254 21.21 -7.11 -16.71
C TYR A 254 19.93 -6.79 -15.91
N GLN A 255 19.16 -5.80 -16.39
CA GLN A 255 18.03 -5.26 -15.65
C GLN A 255 16.74 -5.32 -16.45
N ASN A 256 15.64 -5.45 -15.70
CA ASN A 256 14.26 -5.32 -16.17
C ASN A 256 13.52 -4.34 -15.28
N SER A 257 12.42 -3.83 -15.80
CA SER A 257 11.44 -3.09 -15.00
C SER A 257 10.07 -3.38 -15.61
N TRP A 258 9.03 -3.33 -14.76
CA TRP A 258 7.67 -3.66 -15.18
C TRP A 258 6.65 -2.94 -14.28
N GLY A 259 5.49 -2.60 -14.85
CA GLY A 259 4.54 -1.79 -14.10
C GLY A 259 3.08 -2.03 -14.43
N LEU A 260 2.21 -2.00 -13.40
CA LEU A 260 0.78 -2.19 -13.58
C LEU A 260 0.02 -1.25 -12.65
N THR A 261 -1.08 -0.69 -13.16
CA THR A 261 -1.71 0.43 -12.48
C THR A 261 -3.20 0.25 -12.34
N THR A 262 -3.79 1.25 -11.69
CA THR A 262 -5.23 1.27 -11.51
C THR A 262 -5.98 1.52 -12.80
N ARG A 263 -5.28 1.62 -13.93
CA ARG A 263 -6.00 1.57 -15.19
C ARG A 263 -6.73 0.24 -15.33
N THR A 264 -6.22 -0.81 -14.69
CA THR A 264 -6.96 -2.08 -14.59
C THR A 264 -8.43 -1.91 -14.29
N ILE A 265 -8.76 -1.13 -13.25
CA ILE A 265 -10.14 -0.98 -12.79
C ILE A 265 -10.96 -0.26 -13.86
N GLY A 266 -10.37 0.73 -14.52
CA GLY A 266 -11.06 1.38 -15.62
C GLY A 266 -11.39 0.44 -16.77
N VAL A 267 -10.48 -0.48 -17.10
CA VAL A 267 -10.74 -1.40 -18.20
C VAL A 267 -11.88 -2.35 -17.85
N MET A 268 -11.82 -2.94 -16.66
CA MET A 268 -12.90 -3.79 -16.16
C MET A 268 -14.26 -3.10 -16.28
N THR A 269 -14.33 -1.82 -15.88
CA THR A 269 -15.59 -1.09 -15.93
C THR A 269 -16.08 -0.97 -17.36
N MET A 270 -15.18 -0.58 -18.28
CA MET A 270 -15.60 -0.41 -19.67
C MET A 270 -15.98 -1.76 -20.32
N VAL A 271 -15.28 -2.84 -19.98
CA VAL A 271 -15.52 -4.11 -20.63
C VAL A 271 -16.83 -4.73 -20.13
N HIS A 272 -16.96 -4.90 -18.82
CA HIS A 272 -18.10 -5.64 -18.29
C HIS A 272 -19.31 -4.76 -17.96
N GLY A 273 -19.13 -3.45 -17.83
CA GLY A 273 -20.25 -2.59 -17.47
C GLY A 273 -21.39 -2.68 -18.47
N ASP A 274 -22.61 -2.53 -17.94
CA ASP A 274 -23.86 -2.55 -18.71
C ASP A 274 -24.67 -1.30 -18.41
N ASN A 275 -25.91 -1.25 -18.90
CA ASN A 275 -26.76 -0.06 -18.80
C ASN A 275 -27.52 0.01 -17.49
N MET A 276 -27.29 -0.97 -16.62
CA MET A 276 -27.76 -0.99 -15.26
C MET A 276 -26.66 -0.65 -14.27
N GLY A 277 -25.42 -0.50 -14.75
CA GLY A 277 -24.32 -0.09 -13.88
C GLY A 277 -23.09 -0.98 -13.97
N LEU A 278 -22.33 -1.03 -12.89
CA LEU A 278 -21.13 -1.84 -12.82
C LEU A 278 -21.47 -3.31 -12.87
N VAL A 279 -20.52 -4.11 -13.36
CA VAL A 279 -20.60 -5.57 -13.34
C VAL A 279 -19.28 -6.08 -12.79
N LEU A 280 -19.30 -6.58 -11.60
CA LEU A 280 -18.09 -7.01 -10.92
C LEU A 280 -17.80 -8.47 -11.24
N PRO A 281 -16.60 -8.78 -11.71
CA PRO A 281 -16.17 -10.17 -11.75
C PRO A 281 -16.12 -10.74 -10.33
N PRO A 282 -16.73 -11.89 -10.11
CA PRO A 282 -16.71 -12.48 -8.75
C PRO A 282 -15.36 -12.48 -8.10
N ARG A 283 -14.28 -12.65 -8.86
CA ARG A 283 -12.97 -12.87 -8.27
C ARG A 283 -12.35 -11.59 -7.69
N VAL A 284 -12.87 -10.41 -8.03
CA VAL A 284 -12.45 -9.16 -7.42
C VAL A 284 -13.60 -8.40 -6.74
N ALA A 285 -14.84 -8.85 -6.90
CA ALA A 285 -15.94 -8.17 -6.24
C ALA A 285 -15.72 -8.29 -4.74
N CYS A 286 -15.62 -7.16 -4.06
CA CYS A 286 -15.39 -7.22 -2.62
C CYS A 286 -16.64 -7.65 -1.85
N VAL A 287 -17.81 -7.53 -2.45
CA VAL A 287 -18.98 -8.26 -1.99
C VAL A 287 -19.43 -9.16 -3.12
N GLN A 288 -19.31 -10.47 -2.92
CA GLN A 288 -19.78 -11.35 -3.98
C GLN A 288 -21.27 -11.63 -3.83
N VAL A 289 -21.75 -11.81 -2.60
CA VAL A 289 -23.16 -12.08 -2.35
C VAL A 289 -23.71 -11.04 -1.37
N VAL A 290 -24.77 -10.35 -1.78
CA VAL A 290 -25.51 -9.46 -0.89
C VAL A 290 -26.80 -10.14 -0.49
N ILE A 291 -27.02 -10.27 0.82
CA ILE A 291 -28.23 -10.88 1.38
C ILE A 291 -29.21 -9.77 1.73
N ILE A 292 -30.42 -9.85 1.21
CA ILE A 292 -31.42 -8.83 1.44
C ILE A 292 -32.68 -9.45 2.05
N PRO A 293 -33.12 -9.00 3.23
CA PRO A 293 -34.42 -9.45 3.76
C PRO A 293 -35.59 -8.75 3.07
N CYS A 294 -36.58 -9.55 2.66
CA CYS A 294 -37.76 -9.06 1.95
C CYS A 294 -39.05 -9.39 2.70
N ALA A 299 -47.46 -4.91 9.56
CA ALA A 299 -47.18 -6.27 9.12
C ALA A 299 -47.26 -7.15 10.35
N LEU A 300 -46.70 -8.34 10.29
CA LEU A 300 -46.72 -9.26 11.40
C LEU A 300 -45.38 -9.17 12.14
N SER A 301 -45.25 -9.95 13.22
CA SER A 301 -44.64 -9.65 14.52
C SER A 301 -43.20 -9.15 14.54
N GLU A 302 -42.80 -8.58 15.68
CA GLU A 302 -41.46 -8.04 15.89
C GLU A 302 -40.50 -9.13 16.34
N GLU A 303 -41.01 -10.16 17.01
CA GLU A 303 -40.26 -11.39 17.22
C GLU A 303 -40.00 -12.09 15.88
N ASP A 304 -41.03 -12.16 15.03
CA ASP A 304 -40.89 -12.74 13.70
C ASP A 304 -39.85 -11.99 12.89
N LYS A 305 -39.85 -10.65 12.99
CA LYS A 305 -38.92 -9.85 12.22
C LYS A 305 -37.47 -10.16 12.62
N GLU A 306 -37.21 -10.25 13.92
CA GLU A 306 -35.88 -10.60 14.40
C GLU A 306 -35.42 -11.97 13.89
N ALA A 307 -36.37 -12.89 13.68
CA ALA A 307 -36.03 -14.22 13.15
C ALA A 307 -35.62 -14.14 11.68
N LEU A 308 -36.28 -13.27 10.90
CA LEU A 308 -35.88 -13.04 9.51
C LEU A 308 -34.45 -12.51 9.44
N ILE A 309 -34.08 -11.63 10.37
CA ILE A 309 -32.74 -11.05 10.39
C ILE A 309 -31.74 -12.06 10.90
N ALA A 310 -32.17 -12.93 11.81
CA ALA A 310 -31.31 -14.01 12.29
C ALA A 310 -31.03 -15.03 11.19
N LYS A 311 -31.97 -15.23 10.26
CA LYS A 311 -31.74 -16.17 9.18
C LYS A 311 -30.77 -15.57 8.14
N CYS A 312 -30.97 -14.29 7.80
CA CYS A 312 -30.01 -13.58 6.98
C CYS A 312 -28.61 -13.59 7.61
N ASN A 313 -28.52 -13.32 8.92
CA ASN A 313 -27.22 -13.36 9.58
C ASN A 313 -26.70 -14.78 9.73
N ASP A 314 -27.52 -15.79 9.43
CA ASP A 314 -27.04 -17.15 9.44
C ASP A 314 -26.62 -17.59 8.05
N TYR A 315 -27.15 -16.92 7.03
CA TYR A 315 -26.62 -17.12 5.70
C TYR A 315 -25.24 -16.49 5.59
N ARG A 316 -25.05 -15.32 6.21
CA ARG A 316 -23.76 -14.62 6.15
C ARG A 316 -22.64 -15.47 6.74
N ARG A 317 -22.91 -16.15 7.85
CA ARG A 317 -21.87 -16.95 8.49
C ARG A 317 -21.59 -18.23 7.73
N ARG A 318 -22.63 -18.91 7.27
CA ARG A 318 -22.44 -20.08 6.41
C ARG A 318 -21.59 -19.73 5.20
N LEU A 319 -21.74 -18.51 4.69
CA LEU A 319 -21.04 -18.09 3.47
C LEU A 319 -19.61 -17.63 3.78
N LEU A 320 -19.40 -16.95 4.90
CA LEU A 320 -18.03 -16.66 5.31
C LEU A 320 -17.26 -17.97 5.52
N SER A 321 -17.93 -18.98 6.05
CA SER A 321 -17.27 -20.22 6.39
C SER A 321 -16.83 -21.00 5.16
N VAL A 322 -17.46 -20.76 4.01
CA VAL A 322 -16.98 -21.29 2.73
C VAL A 322 -16.20 -20.21 1.96
N ASN A 323 -15.72 -19.18 2.67
CA ASN A 323 -14.87 -18.10 2.15
C ASN A 323 -15.48 -17.35 0.98
N ILE A 324 -16.79 -17.09 1.05
CA ILE A 324 -17.47 -16.20 0.12
C ILE A 324 -17.61 -14.84 0.80
N ARG A 325 -17.16 -13.79 0.11
CA ARG A 325 -17.30 -12.43 0.66
C ARG A 325 -18.77 -12.02 0.58
N VAL A 326 -19.35 -11.73 1.74
CA VAL A 326 -20.79 -11.54 1.86
C VAL A 326 -21.06 -10.32 2.72
N ARG A 327 -22.07 -9.55 2.32
CA ARG A 327 -22.59 -8.47 3.13
C ARG A 327 -24.10 -8.66 3.22
N ALA A 328 -24.63 -8.63 4.44
CA ALA A 328 -26.06 -8.63 4.66
C ALA A 328 -26.52 -7.18 4.78
N ASP A 329 -27.41 -6.75 3.88
CA ASP A 329 -27.97 -5.39 3.96
C ASP A 329 -29.17 -5.40 4.90
N LEU A 330 -28.89 -5.16 6.19
CA LEU A 330 -29.91 -5.16 7.22
C LEU A 330 -30.43 -3.75 7.57
N ARG A 331 -30.16 -2.75 6.73
CA ARG A 331 -30.68 -1.40 6.96
C ARG A 331 -32.20 -1.39 6.88
N ASP A 332 -32.85 -0.96 7.97
CA ASP A 332 -34.32 -0.86 7.96
C ASP A 332 -34.91 0.37 7.28
N ASN A 333 -34.12 1.38 6.88
CA ASN A 333 -34.72 2.58 6.28
C ASN A 333 -34.82 2.54 4.75
N TYR A 334 -34.52 1.42 4.11
CA TYR A 334 -34.68 1.29 2.67
C TYR A 334 -35.55 0.08 2.34
N SER A 335 -36.39 0.22 1.31
CA SER A 335 -37.18 -0.89 0.82
C SER A 335 -36.31 -1.98 0.19
N PRO A 336 -36.83 -3.21 0.09
CA PRO A 336 -36.12 -4.22 -0.72
C PRO A 336 -35.93 -3.80 -2.17
N GLY A 337 -36.95 -3.23 -2.82
CA GLY A 337 -36.77 -2.79 -4.19
C GLY A 337 -35.64 -1.80 -4.35
N TRP A 338 -35.44 -0.93 -3.36
CA TRP A 338 -34.35 0.03 -3.43
C TRP A 338 -33.01 -0.68 -3.34
N LYS A 339 -32.84 -1.54 -2.34
CA LYS A 339 -31.58 -2.26 -2.18
C LYS A 339 -31.27 -3.07 -3.43
N PHE A 340 -32.29 -3.64 -4.06
CA PHE A 340 -32.12 -4.40 -5.31
C PHE A 340 -31.36 -3.58 -6.34
N ASN A 341 -31.82 -2.35 -6.62
CA ASN A 341 -31.19 -1.55 -7.65
C ASN A 341 -29.83 -1.01 -7.20
N HIS A 342 -29.71 -0.67 -5.91
CA HIS A 342 -28.46 -0.13 -5.36
C HIS A 342 -27.32 -1.13 -5.51
N TRP A 343 -27.58 -2.40 -5.22
CA TRP A 343 -26.50 -3.37 -5.33
C TRP A 343 -26.28 -3.82 -6.78
N GLU A 344 -27.27 -3.63 -7.65
CA GLU A 344 -27.06 -3.86 -9.08
C GLU A 344 -26.17 -2.78 -9.67
N LEU A 345 -26.41 -1.52 -9.29
CA LEU A 345 -25.53 -0.43 -9.72
C LEU A 345 -24.09 -0.66 -9.26
N LYS A 346 -23.92 -1.23 -8.08
CA LYS A 346 -22.60 -1.57 -7.60
C LYS A 346 -22.05 -2.85 -8.23
N GLY A 347 -22.90 -3.62 -8.90
CA GLY A 347 -22.39 -4.75 -9.66
C GLY A 347 -22.15 -5.99 -8.85
N VAL A 348 -22.91 -6.18 -7.77
CA VAL A 348 -22.68 -7.35 -6.91
C VAL A 348 -23.06 -8.60 -7.69
N PRO A 349 -22.17 -9.61 -7.78
CA PRO A 349 -22.51 -10.79 -8.60
C PRO A 349 -23.83 -11.47 -8.23
N ILE A 350 -24.12 -11.66 -6.94
CA ILE A 350 -25.33 -12.36 -6.53
C ILE A 350 -26.09 -11.60 -5.43
N ARG A 351 -27.39 -11.41 -5.65
CA ARG A 351 -28.34 -10.95 -4.65
C ARG A 351 -29.08 -12.15 -4.04
N LEU A 352 -29.03 -12.25 -2.71
CA LEU A 352 -29.72 -13.32 -1.99
C LEU A 352 -30.97 -12.73 -1.33
N GLU A 353 -32.14 -13.12 -1.83
CA GLU A 353 -33.42 -12.65 -1.27
C GLU A 353 -33.97 -13.70 -0.30
N VAL A 354 -34.22 -13.28 0.94
CA VAL A 354 -34.80 -14.13 1.98
C VAL A 354 -36.06 -13.47 2.49
N GLY A 355 -37.20 -14.14 2.33
CA GLY A 355 -38.48 -13.71 2.85
C GLY A 355 -39.09 -14.71 3.82
N PRO A 356 -40.10 -14.29 4.60
CA PRO A 356 -40.72 -15.24 5.54
C PRO A 356 -41.24 -16.51 4.89
N ARG A 357 -41.95 -16.40 3.75
CA ARG A 357 -42.40 -17.60 3.01
C ARG A 357 -41.25 -18.55 2.68
N ASP A 358 -40.10 -18.02 2.26
CA ASP A 358 -39.01 -18.92 1.92
C ASP A 358 -38.34 -19.49 3.15
N MET A 359 -38.42 -18.79 4.27
CA MET A 359 -37.85 -19.27 5.52
C MET A 359 -38.51 -20.56 6.00
N LYS A 360 -39.84 -20.64 5.89
CA LYS A 360 -40.61 -21.79 6.34
C LYS A 360 -40.79 -22.82 5.26
N SER A 361 -40.41 -22.49 4.03
CA SER A 361 -40.28 -23.43 2.94
C SER A 361 -38.84 -23.89 2.80
N CYS A 362 -37.96 -23.42 3.69
CA CYS A 362 -36.53 -23.72 3.71
C CYS A 362 -35.89 -23.54 2.33
N GLN A 363 -36.04 -22.32 1.81
CA GLN A 363 -35.50 -21.91 0.50
C GLN A 363 -34.93 -20.50 0.62
N PHE A 364 -34.25 -20.10 -0.44
CA PHE A 364 -33.90 -18.71 -0.67
C PHE A 364 -33.86 -18.51 -2.16
N VAL A 365 -33.69 -17.26 -2.58
CA VAL A 365 -33.66 -16.91 -3.99
C VAL A 365 -32.32 -16.25 -4.28
N ALA A 366 -31.72 -16.61 -5.43
CA ALA A 366 -30.52 -15.98 -5.95
C ALA A 366 -30.77 -15.42 -7.34
N VAL A 367 -30.31 -14.20 -7.59
CA VAL A 367 -30.39 -13.56 -8.90
C VAL A 367 -28.99 -13.14 -9.33
N ARG A 368 -28.56 -13.63 -10.50
CA ARG A 368 -27.24 -13.32 -11.04
C ARG A 368 -27.22 -11.95 -11.68
N ARG A 369 -26.15 -11.19 -11.43
CA ARG A 369 -26.03 -9.86 -11.98
C ARG A 369 -25.65 -9.86 -13.47
N ASP A 370 -25.07 -10.94 -13.99
CA ASP A 370 -24.58 -10.94 -15.36
C ASP A 370 -25.69 -11.27 -16.36
N THR A 371 -26.56 -12.21 -16.01
CA THR A 371 -27.68 -12.59 -16.86
C THR A 371 -29.01 -12.08 -16.35
N GLY A 372 -29.11 -11.84 -15.05
CA GLY A 372 -30.35 -11.47 -14.41
C GLY A 372 -31.21 -12.62 -13.94
N GLU A 373 -30.84 -13.87 -14.23
CA GLU A 373 -31.71 -14.99 -13.92
C GLU A 373 -31.90 -15.20 -12.42
N LYS A 374 -33.16 -15.48 -12.04
CA LYS A 374 -33.57 -15.72 -10.67
C LYS A 374 -33.63 -17.23 -10.42
N LEU A 375 -33.17 -17.65 -9.25
CA LEU A 375 -33.04 -19.06 -8.93
C LEU A 375 -33.49 -19.29 -7.48
N THR A 376 -34.42 -20.23 -7.25
CA THR A 376 -34.78 -20.62 -5.89
C THR A 376 -33.98 -21.86 -5.49
N VAL A 377 -33.27 -21.75 -4.36
CA VAL A 377 -32.34 -22.76 -3.90
C VAL A 377 -32.83 -23.29 -2.56
N ALA A 378 -32.65 -24.58 -2.35
CA ALA A 378 -32.90 -25.14 -1.03
C ALA A 378 -31.92 -24.57 -0.03
N GLU A 379 -32.40 -24.33 1.19
CA GLU A 379 -31.57 -23.75 2.24
C GLU A 379 -30.29 -24.56 2.49
N ASN A 380 -30.32 -25.88 2.27
CA ASN A 380 -29.15 -26.71 2.55
C ASN A 380 -28.05 -26.62 1.49
N GLU A 381 -28.36 -26.31 0.23
CA GLU A 381 -27.32 -26.20 -0.78
C GLU A 381 -26.75 -24.79 -0.95
N ALA A 382 -27.01 -23.88 0.00
CA ALA A 382 -26.54 -22.50 -0.13
C ALA A 382 -25.04 -22.43 -0.45
N GLU A 383 -24.21 -23.04 0.39
CA GLU A 383 -22.75 -22.97 0.21
C GLU A 383 -22.33 -23.52 -1.17
N THR A 384 -22.69 -24.78 -1.46
CA THR A 384 -22.26 -25.40 -2.71
C THR A 384 -22.76 -24.63 -3.93
N LYS A 385 -24.04 -24.27 -3.95
CA LYS A 385 -24.58 -23.75 -5.21
C LYS A 385 -24.16 -22.30 -5.43
N LEU A 386 -24.14 -21.50 -4.36
CA LEU A 386 -23.69 -20.10 -4.50
C LEU A 386 -22.25 -20.05 -4.99
N GLN A 387 -21.39 -20.94 -4.49
CA GLN A 387 -20.02 -21.01 -4.97
C GLN A 387 -20.00 -21.32 -6.47
N ALA A 388 -20.81 -22.30 -6.90
CA ALA A 388 -20.90 -22.64 -8.32
C ALA A 388 -21.44 -21.48 -9.16
N ILE A 389 -22.39 -20.70 -8.65
CA ILE A 389 -22.91 -19.61 -9.47
C ILE A 389 -21.86 -18.52 -9.62
N LEU A 390 -21.03 -18.32 -8.60
CA LEU A 390 -19.99 -17.31 -8.75
C LEU A 390 -18.93 -17.79 -9.74
N GLU A 391 -18.60 -19.08 -9.74
CA GLU A 391 -17.63 -19.57 -10.70
C GLU A 391 -18.16 -19.48 -12.12
N ASP A 392 -19.47 -19.66 -12.29
CA ASP A 392 -20.05 -19.57 -13.62
C ASP A 392 -20.20 -18.12 -14.08
N ILE A 393 -20.47 -17.19 -13.17
CA ILE A 393 -20.51 -15.79 -13.56
C ILE A 393 -19.15 -15.39 -14.12
N GLN A 394 -18.08 -15.74 -13.40
CA GLN A 394 -16.73 -15.44 -13.85
C GLN A 394 -16.50 -15.97 -15.26
N VAL A 395 -16.78 -17.26 -15.48
CA VAL A 395 -16.54 -17.87 -16.78
C VAL A 395 -17.37 -17.19 -17.85
N THR A 396 -18.61 -16.82 -17.53
CA THR A 396 -19.45 -16.09 -18.49
C THR A 396 -18.82 -14.75 -18.86
N LEU A 397 -18.40 -13.99 -17.85
CA LEU A 397 -17.86 -12.66 -18.11
C LEU A 397 -16.62 -12.77 -18.96
N PHE A 398 -15.75 -13.75 -18.68
CA PHE A 398 -14.54 -13.87 -19.50
C PHE A 398 -14.85 -14.41 -20.88
N THR A 399 -15.86 -15.28 -20.99
CA THR A 399 -16.19 -15.85 -22.30
C THR A 399 -16.77 -14.79 -23.21
N ARG A 400 -17.67 -13.94 -22.70
CA ARG A 400 -18.28 -12.94 -23.55
C ARG A 400 -17.27 -11.89 -23.99
N ALA A 401 -16.32 -11.54 -23.13
CA ALA A 401 -15.36 -10.53 -23.54
C ALA A 401 -14.36 -11.14 -24.52
N SER A 402 -14.04 -12.43 -24.37
CA SER A 402 -13.20 -13.12 -25.35
C SER A 402 -13.89 -13.15 -26.71
N GLU A 403 -15.15 -13.57 -26.74
CA GLU A 403 -15.92 -13.68 -27.98
C GLU A 403 -16.14 -12.32 -28.62
N ASP A 404 -15.93 -11.26 -27.87
CA ASP A 404 -16.04 -9.90 -28.37
C ASP A 404 -14.71 -9.41 -28.93
N LEU A 405 -13.59 -9.96 -28.44
CA LEU A 405 -12.29 -9.62 -28.97
C LEU A 405 -11.95 -10.40 -30.25
N LYS A 406 -12.24 -11.71 -30.29
CA LYS A 406 -12.09 -12.45 -31.53
C LYS A 406 -12.88 -11.79 -32.66
N THR A 407 -14.13 -11.42 -32.39
CA THR A 407 -14.94 -10.70 -33.35
C THR A 407 -14.26 -9.42 -33.85
N HIS A 408 -13.60 -8.68 -32.95
CA HIS A 408 -13.22 -7.30 -33.24
C HIS A 408 -11.75 -7.12 -33.58
N MET A 409 -11.00 -8.21 -33.77
CA MET A 409 -9.58 -8.14 -34.11
C MET A 409 -9.35 -9.03 -35.33
N VAL A 410 -9.00 -8.44 -36.48
CA VAL A 410 -8.89 -9.19 -37.72
C VAL A 410 -7.60 -8.81 -38.45
N VAL A 411 -7.36 -9.54 -39.54
CA VAL A 411 -6.19 -9.35 -40.39
C VAL A 411 -6.59 -8.59 -41.63
N ALA A 412 -5.72 -7.69 -42.06
CA ALA A 412 -5.83 -7.03 -43.35
C ALA A 412 -4.44 -6.89 -43.93
N ASN A 413 -4.31 -7.06 -45.25
CA ASN A 413 -3.03 -7.00 -45.95
C ASN A 413 -2.88 -5.81 -46.90
N THR A 414 -3.89 -4.94 -46.99
CA THR A 414 -3.82 -3.71 -47.78
C THR A 414 -4.15 -2.52 -46.87
N MET A 415 -3.50 -1.39 -47.12
CA MET A 415 -3.87 -0.18 -46.39
C MET A 415 -5.35 0.14 -46.60
N GLU A 416 -5.90 -0.25 -47.75
CA GLU A 416 -7.29 0.01 -48.08
C GLU A 416 -8.25 -0.81 -47.20
N ASP A 417 -7.97 -2.11 -46.98
CA ASP A 417 -8.83 -2.89 -46.11
C ASP A 417 -8.52 -2.60 -44.64
N PHE A 418 -7.30 -2.20 -44.37
CA PHE A 418 -6.90 -1.78 -43.03
C PHE A 418 -7.73 -0.58 -42.60
N GLN A 419 -7.99 0.34 -43.53
CA GLN A 419 -8.73 1.55 -43.21
C GLN A 419 -10.21 1.26 -42.99
N LYS A 420 -10.85 0.55 -43.93
CA LYS A 420 -12.26 0.21 -43.76
C LYS A 420 -12.48 -0.65 -42.51
N ILE A 421 -11.55 -1.56 -42.21
CA ILE A 421 -11.78 -2.42 -41.05
C ILE A 421 -11.59 -1.62 -39.77
N LEU A 422 -10.60 -0.73 -39.75
CA LEU A 422 -10.41 0.17 -38.62
C LEU A 422 -11.66 1.01 -38.38
N ASP A 423 -12.23 1.55 -39.46
CA ASP A 423 -13.32 2.51 -39.36
C ASP A 423 -14.64 1.86 -38.94
N SER A 424 -14.70 0.53 -38.85
CA SER A 424 -15.83 -0.16 -38.27
C SER A 424 -15.57 -0.52 -36.80
N GLY A 425 -14.66 0.20 -36.17
CA GLY A 425 -14.38 0.06 -34.75
C GLY A 425 -13.68 -1.23 -34.40
N LYS A 426 -12.65 -1.57 -35.16
CA LYS A 426 -11.93 -2.83 -34.96
C LYS A 426 -10.44 -2.58 -35.00
N ILE A 427 -9.70 -3.49 -34.38
CA ILE A 427 -8.24 -3.45 -34.39
C ILE A 427 -7.72 -4.49 -35.38
N VAL A 428 -6.58 -4.17 -36.01
CA VAL A 428 -6.16 -4.83 -37.25
C VAL A 428 -4.72 -5.32 -37.12
N GLN A 429 -4.50 -6.57 -37.48
CA GLN A 429 -3.13 -7.08 -37.64
C GLN A 429 -2.71 -6.97 -39.09
N ILE A 430 -1.69 -6.17 -39.36
CA ILE A 430 -1.23 -5.86 -40.71
C ILE A 430 0.26 -6.20 -40.88
N PRO A 431 0.70 -6.64 -42.07
CA PRO A 431 2.15 -6.83 -42.32
C PRO A 431 2.89 -5.50 -42.34
N PHE A 432 4.02 -5.44 -41.62
CA PHE A 432 4.57 -4.13 -41.25
C PHE A 432 6.09 -4.11 -41.29
N CYS A 433 6.64 -3.03 -41.88
CA CYS A 433 8.09 -2.76 -41.90
C CYS A 433 8.71 -2.83 -40.53
N GLY A 434 8.09 -2.18 -39.54
CA GLY A 434 8.72 -1.96 -38.26
C GLY A 434 9.39 -0.62 -38.12
N GLU A 435 9.44 0.19 -39.17
CA GLU A 435 10.22 1.42 -39.09
C GLU A 435 9.37 2.56 -38.56
N ILE A 436 10.06 3.49 -37.90
CA ILE A 436 9.37 4.61 -37.27
C ILE A 436 8.70 5.49 -38.31
N ASP A 437 9.47 5.93 -39.31
CA ASP A 437 8.96 6.83 -40.35
C ASP A 437 7.64 6.36 -40.91
N CYS A 438 7.49 5.05 -41.07
CA CYS A 438 6.28 4.47 -41.62
C CYS A 438 5.14 4.54 -40.62
N GLU A 439 5.47 4.34 -39.34
CA GLU A 439 4.45 4.34 -38.31
C GLU A 439 3.77 5.70 -38.19
N ASP A 440 4.54 6.79 -38.36
CA ASP A 440 3.94 8.13 -38.42
C ASP A 440 3.02 8.24 -39.62
N TRP A 441 3.41 7.59 -40.73
CA TRP A 441 2.63 7.66 -41.96
C TRP A 441 1.28 6.97 -41.77
N ILE A 442 1.27 5.77 -41.19
CA ILE A 442 0.00 5.10 -40.93
C ILE A 442 -0.85 5.95 -40.00
N LYS A 443 -0.20 6.64 -39.05
CA LYS A 443 -0.92 7.38 -38.03
C LYS A 443 -1.71 8.54 -38.66
N LYS A 444 -1.10 9.30 -39.59
CA LYS A 444 -1.90 10.40 -40.12
C LYS A 444 -2.68 9.95 -41.35
N THR A 445 -2.17 9.01 -42.12
CA THR A 445 -2.98 8.53 -43.21
C THR A 445 -4.30 7.97 -42.68
N THR A 446 -4.25 7.18 -41.61
CA THR A 446 -5.51 6.68 -41.08
C THR A 446 -6.34 7.74 -40.36
N ALA A 447 -5.77 8.91 -40.04
CA ALA A 447 -6.60 10.01 -39.54
C ALA A 447 -7.36 10.70 -40.67
N ARG A 448 -6.65 11.00 -41.76
CA ARG A 448 -7.27 11.49 -42.99
C ARG A 448 -7.81 10.32 -43.80
N GLY A 460 -5.75 9.27 -35.47
CA GLY A 460 -5.11 8.24 -36.28
C GLY A 460 -4.81 6.95 -35.54
N ALA A 461 -4.57 5.88 -36.29
CA ALA A 461 -4.26 4.59 -35.69
C ALA A 461 -2.78 4.53 -35.32
N LYS A 462 -2.49 4.04 -34.11
CA LYS A 462 -1.11 3.75 -33.70
C LYS A 462 -0.91 2.24 -33.62
N SER A 463 0.35 1.82 -33.45
CA SER A 463 0.65 0.41 -33.24
C SER A 463 0.37 0.03 -31.79
N LEU A 464 -0.25 -1.12 -31.59
CA LEU A 464 -0.48 -1.56 -30.22
C LEU A 464 0.66 -2.44 -29.73
N CYS A 465 0.90 -3.54 -30.43
CA CYS A 465 1.98 -4.46 -30.13
C CYS A 465 2.25 -5.33 -31.35
N ILE A 466 3.43 -5.96 -31.37
CA ILE A 466 3.71 -7.07 -32.30
C ILE A 466 3.32 -8.37 -31.59
N PRO A 467 2.25 -9.04 -32.00
CA PRO A 467 1.78 -10.19 -31.23
C PRO A 467 2.79 -11.32 -31.25
N PHE A 468 2.96 -11.97 -30.08
CA PHE A 468 3.80 -13.17 -30.05
C PHE A 468 3.20 -14.25 -30.91
N LYS A 469 1.88 -14.37 -30.91
CA LYS A 469 1.16 -15.40 -31.65
C LYS A 469 0.17 -14.69 -32.56
N PRO A 470 0.62 -14.09 -33.66
CA PRO A 470 -0.31 -13.39 -34.57
C PRO A 470 -1.32 -14.35 -35.19
N LEU A 471 -2.33 -13.75 -35.85
CA LEU A 471 -3.43 -14.53 -36.41
C LEU A 471 -2.95 -15.44 -37.54
N CYS A 472 -2.13 -14.92 -38.44
CA CYS A 472 -1.64 -15.67 -39.58
C CYS A 472 -0.14 -15.57 -39.65
N GLU A 473 0.49 -16.58 -40.27
CA GLU A 473 1.92 -16.52 -40.41
C GLU A 473 2.25 -15.67 -41.62
N LEU A 474 3.30 -14.87 -41.48
CA LEU A 474 3.70 -13.88 -42.46
C LEU A 474 4.70 -14.44 -43.47
N GLN A 475 4.80 -13.74 -44.59
CA GLN A 475 5.95 -13.59 -45.49
C GLN A 475 6.01 -14.72 -46.50
N PRO A 476 6.88 -15.68 -46.35
CA PRO A 476 7.84 -15.95 -47.41
C PRO A 476 7.93 -14.73 -48.32
N GLY A 477 8.63 -13.69 -47.87
CA GLY A 477 8.79 -12.46 -48.63
C GLY A 477 7.56 -11.60 -48.83
N ALA A 478 6.61 -11.58 -47.89
CA ALA A 478 5.46 -10.69 -47.99
C ALA A 478 5.86 -9.26 -47.67
N LYS A 479 5.28 -8.31 -48.38
CA LYS A 479 5.70 -6.92 -48.32
C LYS A 479 4.75 -6.09 -47.43
N CYS A 480 5.31 -5.06 -46.80
CA CYS A 480 4.62 -4.20 -45.83
C CYS A 480 3.52 -3.43 -46.53
N VAL A 481 2.74 -2.66 -45.75
CA VAL A 481 1.63 -1.91 -46.33
C VAL A 481 2.09 -0.57 -46.88
N CYS A 482 3.38 -0.25 -46.74
CA CYS A 482 3.98 0.80 -47.57
C CYS A 482 3.63 0.58 -49.04
N ASN A 485 9.58 -1.71 -49.27
CA ASN A 485 10.06 -2.15 -47.95
C ASN A 485 9.35 -3.42 -47.49
N PRO A 486 10.11 -4.47 -47.18
CA PRO A 486 9.50 -5.76 -46.82
C PRO A 486 8.97 -5.80 -45.39
N ALA A 487 7.97 -6.64 -45.19
CA ALA A 487 7.37 -6.79 -43.88
C ALA A 487 8.27 -7.62 -42.96
N LYS A 488 8.54 -7.09 -41.75
CA LYS A 488 9.28 -7.80 -40.72
C LYS A 488 8.38 -8.69 -39.87
N TYR A 489 7.17 -8.21 -39.55
CA TYR A 489 6.28 -8.91 -38.63
C TYR A 489 4.87 -8.40 -38.83
N TYR A 490 3.89 -9.27 -38.56
CA TYR A 490 2.53 -8.79 -38.35
C TYR A 490 2.50 -7.89 -37.11
N THR A 491 1.89 -6.72 -37.24
CA THR A 491 1.81 -5.75 -36.15
C THR A 491 0.36 -5.37 -35.91
N LEU A 492 -0.06 -5.37 -34.64
CA LEU A 492 -1.45 -5.09 -34.29
C LEU A 492 -1.63 -3.59 -34.15
N PHE A 493 -2.47 -3.02 -35.00
CA PHE A 493 -2.67 -1.58 -35.08
C PHE A 493 -4.12 -1.26 -34.71
N GLY A 494 -4.32 -0.07 -34.16
CA GLY A 494 -5.67 0.36 -33.82
C GLY A 494 -5.63 1.73 -33.18
N ARG A 495 -6.82 2.30 -33.04
CA ARG A 495 -6.99 3.51 -32.26
C ARG A 495 -6.83 3.17 -30.78
N SER A 496 -6.27 4.09 -30.00
CA SER A 496 -5.99 3.70 -28.62
C SER A 496 -6.23 4.83 -27.61
N TYR A 497 -6.59 4.40 -26.40
CA TYR A 497 -6.53 5.20 -25.18
C TYR A 497 -5.07 5.48 -24.82
N LEU B 1 29.37 -4.16 13.74
CA LEU B 1 28.90 -3.07 14.59
C LEU B 1 29.95 -2.73 15.64
N GLU B 2 30.36 -1.47 15.65
CA GLU B 2 31.43 -1.05 16.55
C GLU B 2 31.05 0.12 17.45
N ALA B 3 30.23 1.06 16.98
CA ALA B 3 29.79 2.06 17.93
C ALA B 3 28.95 1.37 19.00
N LYS B 4 28.87 2.00 20.17
CA LYS B 4 28.19 1.42 21.30
C LYS B 4 27.06 2.36 21.75
N LYS B 5 25.95 1.75 22.13
CA LYS B 5 24.69 2.46 22.32
C LYS B 5 24.78 3.45 23.49
N GLU B 6 25.27 2.99 24.64
CA GLU B 6 25.32 3.79 25.85
C GLU B 6 26.27 4.97 25.75
N GLU B 7 27.21 4.96 24.81
CA GLU B 7 28.19 6.03 24.71
C GLU B 7 27.84 6.99 23.57
N ASN B 8 27.62 6.46 22.37
CA ASN B 8 27.18 7.29 21.27
C ASN B 8 25.97 6.70 20.56
N LEU B 9 24.78 7.16 20.97
CA LEU B 9 23.53 6.57 20.53
C LEU B 9 23.22 6.92 19.08
N ALA B 10 23.48 8.17 18.68
CA ALA B 10 23.22 8.57 17.30
C ALA B 10 23.98 7.69 16.33
N ASP B 11 25.28 7.54 16.56
CA ASP B 11 26.08 6.75 15.62
C ASP B 11 25.76 5.26 15.73
N TRP B 12 25.46 4.75 16.92
CA TRP B 12 24.99 3.37 17.02
C TRP B 12 23.72 3.14 16.20
N TYR B 13 22.75 4.07 16.29
CA TYR B 13 21.49 3.92 15.57
C TYR B 13 21.71 3.86 14.07
N SER B 14 22.50 4.82 13.55
CA SER B 14 22.82 4.85 12.12
C SER B 14 23.52 3.59 11.67
N GLN B 15 24.35 2.98 12.51
CA GLN B 15 25.07 1.81 12.04
C GLN B 15 24.24 0.53 12.17
N VAL B 16 23.22 0.54 13.04
CA VAL B 16 22.33 -0.61 13.12
C VAL B 16 21.34 -0.63 11.96
N ILE B 17 20.71 0.52 11.66
CA ILE B 17 19.71 0.55 10.61
C ILE B 17 20.33 0.26 9.25
N THR B 18 21.58 0.66 9.04
CA THR B 18 22.26 0.39 7.78
C THR B 18 22.77 -1.04 7.73
N LYS B 19 23.51 -1.48 8.75
CA LYS B 19 24.09 -2.83 8.71
C LYS B 19 23.07 -3.94 8.89
N SER B 20 21.85 -3.59 9.29
CA SER B 20 20.74 -4.54 9.28
C SER B 20 20.04 -4.59 7.93
N GLU B 21 20.39 -3.67 7.03
CA GLU B 21 19.79 -3.55 5.70
C GLU B 21 18.34 -3.06 5.77
N MET B 22 18.05 -2.26 6.78
CA MET B 22 16.71 -1.70 6.89
C MET B 22 16.61 -0.42 6.08
N ILE B 23 17.64 0.42 6.13
CA ILE B 23 17.59 1.78 5.63
C ILE B 23 18.76 2.00 4.67
N GLU B 24 18.48 2.59 3.50
CA GLU B 24 19.51 3.20 2.68
C GLU B 24 19.26 4.69 2.55
N TYR B 25 20.36 5.46 2.59
CA TYR B 25 20.24 6.90 2.50
C TYR B 25 19.97 7.37 1.07
N HIS B 26 19.41 8.55 0.98
CA HIS B 26 18.99 9.14 -0.27
C HIS B 26 19.64 10.51 -0.33
N ASP B 27 19.66 11.12 -1.51
CA ASP B 27 20.38 12.37 -1.64
C ASP B 27 19.51 13.57 -1.32
N ILE B 28 18.31 13.34 -0.80
CA ILE B 28 17.43 14.40 -0.26
C ILE B 28 17.43 14.30 1.27
N SER B 29 17.71 15.42 1.92
CA SER B 29 17.76 15.45 3.38
C SER B 29 16.45 14.96 3.99
N GLY B 30 16.55 14.04 4.95
CA GLY B 30 15.37 13.53 5.63
C GLY B 30 14.54 12.52 4.88
N CYS B 31 15.07 11.93 3.79
CA CYS B 31 14.42 10.87 3.02
C CYS B 31 15.22 9.59 3.05
N TYR B 32 14.55 8.47 3.27
CA TYR B 32 15.22 7.20 3.46
C TYR B 32 14.48 6.14 2.68
N ILE B 33 15.27 5.27 2.08
CA ILE B 33 14.78 4.08 1.42
C ILE B 33 14.47 3.07 2.52
N LEU B 34 13.26 2.49 2.48
CA LEU B 34 12.91 1.36 3.35
C LEU B 34 13.17 0.07 2.57
N ARG B 35 14.20 -0.67 2.97
CA ARG B 35 14.54 -1.89 2.25
C ARG B 35 13.62 -3.02 2.72
N PRO B 36 13.59 -4.16 2.01
CA PRO B 36 12.61 -5.18 2.41
C PRO B 36 12.61 -5.52 3.89
N TRP B 37 13.79 -5.53 4.53
CA TRP B 37 13.86 -5.88 5.94
C TRP B 37 13.10 -4.88 6.83
N ALA B 38 13.16 -3.60 6.47
CA ALA B 38 12.41 -2.60 7.20
C ALA B 38 10.95 -2.62 6.79
N TYR B 39 10.69 -2.81 5.50
CA TYR B 39 9.32 -2.77 4.98
C TYR B 39 8.50 -3.94 5.49
N ALA B 40 9.14 -5.08 5.76
CA ALA B 40 8.38 -6.25 6.19
C ALA B 40 7.77 -6.03 7.55
N ILE B 41 8.40 -5.18 8.36
CA ILE B 41 7.88 -4.88 9.69
C ILE B 41 6.63 -4.04 9.57
N TRP B 42 6.70 -2.97 8.77
CA TRP B 42 5.53 -2.18 8.38
C TRP B 42 4.41 -3.03 7.82
N GLU B 43 4.73 -3.97 6.96
CA GLU B 43 3.68 -4.82 6.37
C GLU B 43 3.00 -5.65 7.45
N ALA B 44 3.76 -6.07 8.46
CA ALA B 44 3.19 -6.88 9.52
C ALA B 44 2.25 -6.04 10.37
N ILE B 45 2.69 -4.83 10.72
CA ILE B 45 1.85 -3.90 11.45
C ILE B 45 0.57 -3.61 10.65
N LYS B 46 0.72 -3.33 9.35
CA LYS B 46 -0.42 -3.09 8.48
C LYS B 46 -1.39 -4.27 8.49
N ASP B 47 -0.89 -5.50 8.41
CA ASP B 47 -1.78 -6.65 8.41
C ASP B 47 -2.61 -6.68 9.69
N PHE B 48 -1.97 -6.43 10.82
CA PHE B 48 -2.63 -6.47 12.11
C PHE B 48 -3.67 -5.37 12.28
N PHE B 49 -3.19 -4.12 12.20
CA PHE B 49 -4.05 -2.97 12.35
C PHE B 49 -5.20 -2.98 11.35
N ASP B 50 -4.93 -3.39 10.11
CA ASP B 50 -5.98 -3.37 9.11
C ASP B 50 -7.10 -4.31 9.51
N ALA B 51 -6.74 -5.53 9.91
CA ALA B 51 -7.71 -6.49 10.37
C ALA B 51 -8.54 -5.97 11.55
N GLU B 52 -7.92 -5.23 12.48
CA GLU B 52 -8.66 -4.78 13.65
C GLU B 52 -9.69 -3.71 13.31
N ILE B 53 -9.29 -2.65 12.58
CA ILE B 53 -10.22 -1.57 12.28
C ILE B 53 -11.30 -2.01 11.33
N LYS B 54 -11.09 -3.14 10.65
CA LYS B 54 -12.16 -3.66 9.82
C LYS B 54 -13.31 -4.18 10.69
N LYS B 55 -13.02 -4.71 11.88
CA LYS B 55 -14.10 -5.11 12.79
C LYS B 55 -14.88 -3.91 13.33
N LEU B 56 -14.21 -2.77 13.45
CA LEU B 56 -14.84 -1.51 13.80
C LEU B 56 -15.64 -0.89 12.65
N GLY B 57 -15.69 -1.56 11.48
CA GLY B 57 -16.45 -1.04 10.35
C GLY B 57 -15.73 -0.01 9.50
N VAL B 58 -14.41 0.19 9.72
CA VAL B 58 -13.62 1.13 8.93
C VAL B 58 -13.26 0.50 7.59
N GLU B 59 -13.30 1.30 6.52
CA GLU B 59 -13.02 0.84 5.17
C GLU B 59 -11.82 1.58 4.58
N ASN B 60 -11.05 0.89 3.74
CA ASN B 60 -9.86 1.53 3.20
C ASN B 60 -10.17 2.18 1.88
N CYS B 61 -9.42 3.24 1.59
CA CYS B 61 -9.68 4.01 0.38
C CYS B 61 -8.38 4.68 0.02
N TYR B 62 -8.42 5.56 -0.99
CA TYR B 62 -7.24 6.34 -1.33
C TYR B 62 -7.67 7.66 -1.92
N PHE B 63 -7.32 8.82 -1.21
CA PHE B 63 -7.59 10.20 -1.58
C PHE B 63 -6.36 10.85 -2.25
N PRO B 64 -6.56 11.87 -3.09
CA PRO B 64 -5.42 12.55 -3.73
C PRO B 64 -4.39 13.10 -2.76
N MET B 65 -3.13 13.09 -3.21
CA MET B 65 -2.02 13.72 -2.50
C MET B 65 -1.94 15.22 -2.71
N PHE B 66 -2.45 15.73 -3.82
CA PHE B 66 -2.37 17.15 -4.08
C PHE B 66 -3.57 17.87 -3.46
N VAL B 67 -3.30 18.97 -2.78
CA VAL B 67 -4.36 19.81 -2.24
C VAL B 67 -4.31 21.16 -2.94
N SER B 68 -5.46 21.62 -3.43
CA SER B 68 -5.52 22.92 -4.08
C SER B 68 -5.21 24.02 -3.08
N GLN B 69 -4.65 25.13 -3.59
CA GLN B 69 -4.23 26.23 -2.73
C GLN B 69 -5.38 26.78 -1.88
N SER B 70 -6.57 26.95 -2.47
CA SER B 70 -7.65 27.55 -1.68
C SER B 70 -8.31 26.55 -0.73
N ALA B 71 -8.17 25.25 -0.94
CA ALA B 71 -8.66 24.25 0.00
C ALA B 71 -7.79 24.12 1.24
N LEU B 72 -6.53 24.60 1.18
CA LEU B 72 -5.58 24.62 2.31
C LEU B 72 -5.86 25.76 3.26
N GLU B 73 -6.33 26.85 2.71
CA GLU B 73 -6.53 28.07 3.47
C GLU B 73 -7.64 27.89 4.47
N LYS B 74 -8.66 27.09 4.16
CA LYS B 74 -10.09 27.27 4.36
C LYS B 74 -10.42 27.94 5.68
N GLU B 75 -9.93 27.41 6.78
CA GLU B 75 -10.08 28.04 8.10
C GLU B 75 -8.86 27.59 8.89
N LYS B 76 -8.95 27.76 10.21
CA LYS B 76 -7.92 27.50 11.21
C LYS B 76 -7.97 25.99 11.53
N THR B 77 -7.76 25.27 10.42
CA THR B 77 -7.48 23.84 10.38
C THR B 77 -6.04 23.65 10.86
N HIS B 78 -5.21 24.65 10.56
CA HIS B 78 -3.83 24.87 10.96
C HIS B 78 -3.73 26.37 11.24
N VAL B 79 -3.06 26.79 12.37
CA VAL B 79 -2.77 28.22 12.58
C VAL B 79 -1.49 28.48 11.82
N ALA B 80 -1.33 29.68 11.18
CA ALA B 80 -0.11 29.51 10.39
C ALA B 80 0.99 29.43 11.43
N ASP B 81 1.45 28.23 11.71
CA ASP B 81 2.75 27.78 12.18
C ASP B 81 3.16 26.51 11.42
N PHE B 82 2.16 25.81 10.91
CA PHE B 82 2.33 24.49 10.29
C PHE B 82 2.59 24.61 8.81
N ALA B 83 2.44 25.85 8.35
CA ALA B 83 2.60 26.20 6.96
C ALA B 83 4.02 25.99 6.44
N PRO B 84 5.08 26.22 7.21
CA PRO B 84 6.43 25.98 6.65
C PRO B 84 6.65 24.55 6.26
N GLU B 85 5.91 23.61 6.83
CA GLU B 85 6.11 22.19 6.59
C GLU B 85 5.46 21.72 5.29
N VAL B 86 4.81 22.59 4.53
CA VAL B 86 4.01 22.16 3.39
C VAL B 86 4.80 22.38 2.11
N ALA B 87 5.04 21.30 1.34
CA ALA B 87 5.75 21.39 0.08
C ALA B 87 4.76 21.76 -1.03
N TRP B 88 5.16 22.71 -1.87
CA TRP B 88 4.33 23.22 -2.95
C TRP B 88 4.90 22.86 -4.31
N VAL B 89 4.04 22.36 -5.18
CA VAL B 89 4.36 22.15 -6.58
C VAL B 89 3.96 23.40 -7.34
N THR B 90 4.89 23.98 -8.08
CA THR B 90 4.60 25.20 -8.81
C THR B 90 4.79 25.09 -10.31
N ARG B 91 5.36 24.00 -10.81
CA ARG B 91 5.41 23.85 -12.25
C ARG B 91 5.49 22.39 -12.62
N SER B 92 4.99 22.09 -13.83
CA SER B 92 5.24 20.83 -14.54
C SER B 92 6.25 21.10 -15.66
N GLY B 93 7.34 20.35 -15.68
CA GLY B 93 8.44 20.71 -16.56
C GLY B 93 8.89 22.13 -16.28
N LYS B 94 8.90 22.97 -17.31
CA LYS B 94 9.20 24.39 -17.11
C LYS B 94 7.95 25.28 -17.02
N THR B 95 6.75 24.70 -17.22
CA THR B 95 5.51 25.47 -17.30
C THR B 95 4.98 25.75 -15.90
N GLU B 96 5.09 27.00 -15.48
CA GLU B 96 4.57 27.39 -14.17
C GLU B 96 3.05 27.19 -14.15
N LEU B 97 2.56 26.56 -13.09
CA LEU B 97 1.15 26.26 -13.02
C LEU B 97 0.38 27.52 -12.67
N ALA B 98 -0.87 27.58 -13.14
CA ALA B 98 -1.72 28.73 -12.85
C ALA B 98 -1.77 29.00 -11.36
N GLU B 99 -2.15 27.99 -10.58
CA GLU B 99 -2.07 28.12 -9.16
C GLU B 99 -1.20 27.01 -8.58
N PRO B 100 -0.42 27.32 -7.55
CA PRO B 100 0.42 26.30 -6.94
C PRO B 100 -0.40 25.27 -6.19
N ILE B 101 0.13 24.06 -6.12
CA ILE B 101 -0.56 22.90 -5.58
C ILE B 101 0.30 22.30 -4.48
N ALA B 102 -0.35 21.84 -3.41
CA ALA B 102 0.28 21.39 -2.18
C ALA B 102 0.32 19.88 -2.06
N ILE B 103 1.36 19.40 -1.39
CA ILE B 103 1.55 17.98 -1.10
C ILE B 103 0.99 17.68 0.27
N ARG B 104 0.07 16.70 0.31
CA ARG B 104 -0.61 16.29 1.52
C ARG B 104 0.40 16.25 2.67
N PRO B 105 0.22 17.09 3.73
CA PRO B 105 0.89 16.80 5.01
C PRO B 105 0.00 16.06 5.98
N THR B 106 -1.29 15.96 5.61
CA THR B 106 -2.39 15.28 6.30
C THR B 106 -3.60 15.46 5.38
N SER B 107 -4.65 14.66 5.47
CA SER B 107 -5.61 14.72 4.37
C SER B 107 -6.97 15.33 4.73
N GLU B 108 -7.09 16.06 5.85
CA GLU B 108 -8.38 16.69 6.23
C GLU B 108 -8.93 17.58 5.11
N THR B 109 -8.11 18.52 4.62
CA THR B 109 -8.59 19.45 3.62
C THR B 109 -8.93 18.76 2.31
N VAL B 110 -8.47 17.51 2.11
CA VAL B 110 -8.78 16.76 0.89
C VAL B 110 -10.05 15.94 1.06
N MET B 111 -10.22 15.36 2.25
CA MET B 111 -11.27 14.40 2.58
C MET B 111 -12.59 15.08 2.98
N TYR B 112 -12.53 16.09 3.86
CA TYR B 112 -13.77 16.61 4.46
C TYR B 112 -14.66 17.35 3.47
N PRO B 113 -14.11 18.05 2.45
CA PRO B 113 -15.01 18.54 1.38
C PRO B 113 -15.85 17.44 0.79
N ALA B 114 -15.32 16.22 0.72
CA ALA B 114 -16.04 15.08 0.16
C ALA B 114 -17.04 14.52 1.14
N TYR B 115 -16.67 14.44 2.41
CA TYR B 115 -17.63 14.06 3.46
C TYR B 115 -18.87 14.93 3.42
N ALA B 116 -18.70 16.27 3.32
CA ALA B 116 -19.84 17.18 3.28
C ALA B 116 -20.77 16.89 2.09
N LYS B 117 -20.24 16.39 0.97
CA LYS B 117 -21.13 16.03 -0.14
C LYS B 117 -21.73 14.64 0.00
N TRP B 118 -21.08 13.73 0.77
CA TRP B 118 -21.65 12.40 0.98
C TRP B 118 -22.73 12.37 2.07
N VAL B 119 -22.72 13.34 2.98
CA VAL B 119 -23.63 13.35 4.11
C VAL B 119 -24.80 14.25 3.74
N GLN B 120 -25.90 13.62 3.34
CA GLN B 120 -27.14 14.31 3.00
C GLN B 120 -28.28 14.00 3.94
N SER B 121 -28.08 13.10 4.90
CA SER B 121 -29.07 12.72 5.90
C SER B 121 -28.36 11.90 6.94
N HIS B 122 -29.02 11.64 8.07
CA HIS B 122 -28.42 10.84 9.13
C HIS B 122 -28.17 9.40 8.71
N ARG B 123 -28.77 8.95 7.61
CA ARG B 123 -28.57 7.58 7.15
C ARG B 123 -27.17 7.40 6.57
N ASP B 124 -26.61 8.49 6.06
CA ASP B 124 -25.25 8.57 5.54
C ASP B 124 -24.19 8.59 6.65
N LEU B 125 -24.60 8.64 7.96
CA LEU B 125 -23.58 8.50 9.00
C LEU B 125 -23.68 7.14 9.67
N PRO B 126 -22.56 6.57 10.21
CA PRO B 126 -21.20 7.14 10.23
C PRO B 126 -20.47 6.92 8.91
N ILE B 127 -19.50 7.79 8.63
CA ILE B 127 -18.48 7.58 7.60
C ILE B 127 -17.18 7.25 8.32
N LYS B 128 -16.59 6.11 7.97
CA LYS B 128 -15.36 5.62 8.59
C LYS B 128 -14.38 5.19 7.50
N LEU B 129 -13.44 6.06 7.19
CA LEU B 129 -12.51 5.81 6.11
C LEU B 129 -11.07 5.82 6.64
N ASN B 130 -10.26 4.90 6.10
CA ASN B 130 -8.84 4.81 6.38
C ASN B 130 -8.06 4.80 5.08
N GLN B 131 -6.85 5.34 5.12
CA GLN B 131 -5.96 5.22 3.98
C GLN B 131 -4.53 5.02 4.48
N TRP B 132 -3.84 4.09 3.82
CA TRP B 132 -2.39 3.94 3.96
C TRP B 132 -1.74 4.73 2.85
N CYS B 133 -0.78 5.57 3.20
CA CYS B 133 -0.28 6.46 2.15
C CYS B 133 0.95 7.19 2.68
N ASN B 134 1.62 7.90 1.78
CA ASN B 134 2.78 8.67 2.18
C ASN B 134 2.35 10.12 2.43
N VAL B 135 3.08 10.81 3.31
CA VAL B 135 2.83 12.22 3.58
C VAL B 135 4.16 12.94 3.66
N VAL B 136 4.13 14.23 3.36
CA VAL B 136 5.32 15.07 3.31
C VAL B 136 5.14 16.22 4.31
N ARG B 137 6.09 16.33 5.24
CA ARG B 137 6.21 17.46 6.16
C ARG B 137 7.64 17.96 6.08
N TRP B 138 7.81 19.20 5.64
CA TRP B 138 9.16 19.72 5.53
C TRP B 138 9.71 20.06 6.90
N GLU B 139 10.04 19.03 7.67
CA GLU B 139 10.47 19.23 9.06
C GLU B 139 11.81 19.95 9.10
N PHE B 140 11.90 20.94 9.99
CA PHE B 140 13.10 21.74 10.25
C PHE B 140 14.01 21.03 11.24
N LYS B 141 13.40 20.37 12.23
CA LYS B 141 13.97 19.57 13.31
C LYS B 141 15.01 18.65 12.68
N HIS B 142 16.10 18.29 13.37
CA HIS B 142 17.16 17.56 12.66
C HIS B 142 16.68 16.14 12.33
N PRO B 143 16.80 15.71 11.08
CA PRO B 143 16.17 14.46 10.60
C PRO B 143 16.90 13.17 11.01
N GLN B 144 16.09 12.14 11.30
CA GLN B 144 16.58 10.79 11.61
C GLN B 144 15.69 9.73 10.97
N PRO B 145 16.26 8.62 10.46
CA PRO B 145 15.35 7.58 9.96
C PRO B 145 14.40 7.18 11.05
N PHE B 146 13.18 7.16 10.62
CA PHE B 146 11.86 6.67 10.96
C PHE B 146 11.36 7.46 12.14
N LEU B 147 12.28 8.12 12.83
CA LEU B 147 11.94 8.98 13.94
C LEU B 147 11.36 10.30 13.52
N ARG B 148 12.09 10.97 12.62
CA ARG B 148 11.74 12.29 12.13
C ARG B 148 12.24 12.33 10.69
N THR B 149 11.33 12.03 9.77
CA THR B 149 11.63 11.96 8.35
C THR B 149 10.75 12.97 7.62
N ARG B 150 11.21 13.38 6.45
CA ARG B 150 10.49 14.37 5.65
C ARG B 150 9.32 13.75 4.90
N GLU B 151 9.51 12.55 4.38
CA GLU B 151 8.41 11.75 3.89
C GLU B 151 8.29 10.54 4.80
N PHE B 152 7.07 10.15 5.14
CA PHE B 152 6.90 8.87 5.81
C PHE B 152 5.63 8.22 5.31
N LEU B 153 5.50 6.94 5.63
CA LEU B 153 4.30 6.18 5.41
C LEU B 153 3.48 6.15 6.70
N TRP B 154 2.16 6.14 6.54
CA TRP B 154 1.29 6.10 7.70
C TRP B 154 -0.04 5.52 7.27
N GLN B 155 -0.93 5.38 8.23
CA GLN B 155 -2.37 5.29 8.00
C GLN B 155 -3.00 6.47 8.73
N GLU B 156 -3.94 7.12 8.07
CA GLU B 156 -4.73 8.15 8.70
C GLU B 156 -6.17 7.69 8.60
N GLY B 157 -6.85 7.56 9.73
CA GLY B 157 -8.27 7.23 9.75
C GLY B 157 -9.06 8.49 10.06
N HIS B 158 -10.18 8.65 9.36
CA HIS B 158 -11.03 9.83 9.50
C HIS B 158 -12.46 9.36 9.53
N SER B 159 -13.13 9.52 10.68
CA SER B 159 -14.51 9.07 10.81
C SER B 159 -15.43 10.21 11.28
N ALA B 160 -16.66 10.20 10.78
CA ALA B 160 -17.67 11.20 11.07
C ALA B 160 -18.94 10.51 11.57
N PHE B 161 -19.53 11.06 12.63
CA PHE B 161 -20.65 10.42 13.33
C PHE B 161 -21.81 11.38 13.59
N ALA B 162 -23.01 10.79 13.74
CA ALA B 162 -24.20 11.54 14.11
C ALA B 162 -24.18 12.01 15.57
N THR B 163 -23.60 11.24 16.50
CA THR B 163 -23.63 11.61 17.90
C THR B 163 -22.24 11.63 18.53
N MET B 164 -22.11 12.44 19.58
CA MET B 164 -20.84 12.51 20.30
C MET B 164 -20.45 11.19 20.93
N GLU B 165 -21.45 10.42 21.40
CA GLU B 165 -21.17 9.18 22.11
C GLU B 165 -20.41 8.19 21.25
N GLU B 166 -20.83 8.02 19.99
CA GLU B 166 -20.14 7.15 19.05
C GLU B 166 -18.71 7.64 18.80
N ALA B 167 -18.56 8.88 18.32
CA ALA B 167 -17.23 9.43 18.06
C ALA B 167 -16.30 9.24 19.25
N ALA B 168 -16.76 9.61 20.44
CA ALA B 168 -15.93 9.53 21.64
C ALA B 168 -15.50 8.10 21.94
N GLU B 169 -16.33 7.13 21.58
CA GLU B 169 -16.01 5.74 21.85
C GLU B 169 -14.91 5.23 20.91
N GLU B 170 -14.99 5.58 19.62
CA GLU B 170 -13.95 5.20 18.68
C GLU B 170 -12.59 5.70 19.12
N VAL B 171 -12.51 6.98 19.52
CA VAL B 171 -11.22 7.56 19.89
C VAL B 171 -10.45 6.61 20.80
N LEU B 172 -11.14 6.00 21.75
CA LEU B 172 -10.48 5.15 22.72
C LEU B 172 -10.26 3.74 22.23
N GLN B 173 -11.09 3.27 21.30
CA GLN B 173 -10.84 1.98 20.66
C GLN B 173 -9.55 2.04 19.84
N ILE B 174 -9.43 3.08 19.00
CA ILE B 174 -8.25 3.23 18.15
C ILE B 174 -7.00 3.37 19.01
N LEU B 175 -7.06 4.21 20.05
CA LEU B 175 -5.89 4.35 20.92
C LEU B 175 -5.48 3.01 21.49
N ASP B 176 -6.45 2.15 21.78
CA ASP B 176 -6.08 0.86 22.35
C ASP B 176 -5.39 -0.03 21.31
N LEU B 177 -5.74 0.11 20.02
CA LEU B 177 -5.08 -0.69 18.99
C LEU B 177 -3.64 -0.24 18.83
N TYR B 178 -3.43 1.08 18.76
CA TYR B 178 -2.09 1.64 18.79
C TYR B 178 -1.26 1.04 19.94
N ALA B 179 -1.82 1.01 21.15
CA ALA B 179 -1.11 0.39 22.27
C ALA B 179 -0.89 -1.08 22.02
N GLN B 180 -1.84 -1.75 21.38
CA GLN B 180 -1.65 -3.17 21.10
C GLN B 180 -0.55 -3.38 20.06
N VAL B 181 -0.50 -2.51 19.05
CA VAL B 181 0.57 -2.57 18.05
C VAL B 181 1.93 -2.49 18.72
N TYR B 182 2.08 -1.56 19.63
CA TYR B 182 3.36 -1.38 20.30
C TYR B 182 3.59 -2.50 21.30
N GLU B 183 2.58 -2.81 22.14
CA GLU B 183 2.84 -3.70 23.25
C GLU B 183 2.71 -5.16 22.84
N GLU B 184 1.78 -5.51 21.95
CA GLU B 184 1.62 -6.90 21.54
C GLU B 184 2.44 -7.26 20.30
N LEU B 185 2.65 -6.34 19.36
CA LEU B 185 3.48 -6.69 18.21
C LEU B 185 4.96 -6.42 18.45
N LEU B 186 5.26 -5.25 19.02
CA LEU B 186 6.63 -4.74 19.13
C LEU B 186 7.23 -4.84 20.52
N ALA B 187 6.53 -5.42 21.49
CA ALA B 187 7.08 -5.63 22.84
C ALA B 187 7.61 -4.33 23.45
N ILE B 188 6.96 -3.23 23.14
CA ILE B 188 7.25 -1.93 23.74
C ILE B 188 6.05 -1.55 24.59
N PRO B 189 6.21 -1.32 25.90
CA PRO B 189 5.10 -0.84 26.71
C PRO B 189 4.88 0.65 26.46
N VAL B 190 3.65 1.10 26.69
CA VAL B 190 3.29 2.48 26.44
C VAL B 190 2.42 3.01 27.55
N VAL B 191 2.33 4.34 27.60
CA VAL B 191 1.52 5.06 28.57
C VAL B 191 0.42 5.77 27.79
N LYS B 192 -0.81 5.29 27.92
CA LYS B 192 -1.93 6.04 27.35
C LYS B 192 -2.16 7.33 28.11
N GLY B 193 -2.59 8.36 27.40
CA GLY B 193 -2.71 9.66 28.02
C GLY B 193 -3.38 10.63 27.08
N ARG B 194 -3.63 11.82 27.59
CA ARG B 194 -4.28 12.87 26.82
C ARG B 194 -3.39 14.10 26.76
N LYS B 195 -3.36 14.80 25.64
CA LYS B 195 -2.47 15.94 25.54
C LYS B 195 -2.99 17.11 26.37
N THR B 196 -2.06 17.87 26.93
CA THR B 196 -2.38 19.14 27.54
C THR B 196 -2.85 20.13 26.48
N GLU B 197 -3.28 21.32 26.91
CA GLU B 197 -3.74 22.32 25.96
C GLU B 197 -2.61 22.75 25.02
N LYS B 198 -1.37 22.80 25.53
CA LYS B 198 -0.26 23.20 24.68
C LYS B 198 -0.04 22.20 23.55
N GLU B 199 -0.05 20.91 23.89
CA GLU B 199 0.38 19.86 22.97
C GLU B 199 -0.76 19.18 22.22
N LYS B 200 -2.01 19.50 22.51
CA LYS B 200 -3.06 18.88 21.74
C LYS B 200 -3.16 19.50 20.35
N PHE B 201 -3.76 18.74 19.44
CA PHE B 201 -4.07 19.23 18.10
C PHE B 201 -4.97 20.45 18.21
N ALA B 202 -4.47 21.60 17.75
CA ALA B 202 -5.26 22.82 17.77
C ALA B 202 -6.61 22.65 17.08
N GLY B 203 -6.71 21.73 16.13
CA GLY B 203 -7.94 21.55 15.39
C GLY B 203 -8.99 20.66 16.03
N GLY B 204 -8.68 20.03 17.15
CA GLY B 204 -9.59 19.10 17.78
C GLY B 204 -10.14 19.64 19.09
N ASP B 205 -10.92 18.77 19.75
CA ASP B 205 -11.36 19.00 21.12
C ASP B 205 -10.30 18.48 22.09
N TYR B 206 -9.98 17.20 21.98
CA TYR B 206 -8.93 16.60 22.76
C TYR B 206 -8.13 15.62 21.91
N THR B 207 -6.90 15.38 22.33
CA THR B 207 -5.96 14.51 21.64
C THR B 207 -5.49 13.47 22.62
N THR B 208 -5.71 12.20 22.30
CA THR B 208 -5.12 11.12 23.05
C THR B 208 -3.81 10.68 22.39
N THR B 209 -3.00 9.96 23.16
CA THR B 209 -1.70 9.53 22.68
C THR B 209 -1.19 8.35 23.47
N ILE B 210 -0.23 7.66 22.88
CA ILE B 210 0.59 6.66 23.56
C ILE B 210 2.04 7.15 23.54
N GLU B 211 2.70 7.09 24.69
CA GLU B 211 4.08 7.53 24.80
C GLU B 211 4.96 6.34 25.19
N ALA B 212 6.18 6.32 24.62
CA ALA B 212 7.19 5.29 24.81
C ALA B 212 8.47 5.90 25.36
N PHE B 213 9.25 5.11 26.08
CA PHE B 213 10.50 5.63 26.64
C PHE B 213 11.71 4.94 26.01
N ILE B 214 12.67 5.76 25.57
CA ILE B 214 13.94 5.31 25.02
C ILE B 214 15.01 5.61 26.07
N SER B 215 15.43 4.59 26.83
CA SER B 215 16.41 4.78 27.90
C SER B 215 17.68 5.50 27.41
N ALA B 216 18.37 4.90 26.43
CA ALA B 216 19.70 5.36 26.03
C ALA B 216 19.75 6.86 25.76
N SER B 217 18.63 7.47 25.34
CA SER B 217 18.52 8.91 25.26
C SER B 217 18.04 9.55 26.55
N GLY B 218 17.24 8.82 27.33
CA GLY B 218 16.44 9.45 28.36
C GLY B 218 15.30 10.27 27.82
N ARG B 219 14.86 10.02 26.59
CA ARG B 219 13.84 10.82 25.92
C ARG B 219 12.61 9.98 25.57
N ALA B 220 11.44 10.61 25.64
CA ALA B 220 10.17 10.00 25.28
C ALA B 220 9.78 10.34 23.83
N ILE B 221 8.82 9.59 23.28
CA ILE B 221 8.40 9.82 21.89
C ILE B 221 6.94 9.41 21.68
N GLN B 222 6.20 10.26 20.95
CA GLN B 222 4.79 10.05 20.61
C GLN B 222 4.65 8.90 19.64
N GLY B 223 4.04 7.79 20.07
CA GLY B 223 3.95 6.61 19.25
C GLY B 223 2.71 6.45 18.39
N GLY B 224 1.70 7.29 18.62
CA GLY B 224 0.41 7.19 17.97
C GLY B 224 -0.58 8.19 18.53
N THR B 225 -1.58 8.54 17.73
CA THR B 225 -2.40 9.69 18.02
C THR B 225 -3.84 9.41 17.64
N SER B 226 -4.78 9.79 18.51
CA SER B 226 -6.19 9.63 18.21
C SER B 226 -6.94 10.82 18.78
N HIS B 227 -7.53 11.63 17.92
CA HIS B 227 -8.17 12.87 18.29
C HIS B 227 -9.67 12.70 18.18
N HIS B 228 -10.39 13.26 19.18
CA HIS B 228 -11.79 13.64 18.99
C HIS B 228 -11.81 15.07 18.47
N LEU B 229 -12.44 15.26 17.31
CA LEU B 229 -12.48 16.58 16.68
C LEU B 229 -13.75 17.37 17.02
N GLY B 230 -14.65 16.79 17.83
CA GLY B 230 -15.95 17.41 18.05
C GLY B 230 -16.57 17.81 16.73
N GLN B 231 -16.95 19.09 16.67
CA GLN B 231 -17.55 19.70 15.48
C GLN B 231 -16.66 20.79 14.90
N ASN B 232 -15.40 20.87 15.33
CA ASN B 232 -14.48 21.87 14.80
C ASN B 232 -14.40 21.83 13.28
N PHE B 233 -14.40 20.63 12.68
CA PHE B 233 -14.22 20.48 11.23
C PHE B 233 -15.55 20.39 10.52
N SER B 234 -16.55 19.87 11.22
CA SER B 234 -17.92 19.84 10.70
C SER B 234 -18.45 21.26 10.44
N LYS B 235 -18.19 22.19 11.34
CA LYS B 235 -18.66 23.55 11.07
C LYS B 235 -17.81 24.19 9.97
N MET B 236 -16.50 23.97 10.03
CA MET B 236 -15.56 24.46 9.03
C MET B 236 -15.92 24.05 7.62
N PHE B 237 -16.24 22.76 7.42
CA PHE B 237 -16.48 22.19 6.10
C PHE B 237 -17.95 21.92 5.78
N GLU B 238 -18.85 22.17 6.73
CA GLU B 238 -20.30 22.03 6.52
C GLU B 238 -20.69 20.61 6.21
N ILE B 239 -20.23 19.69 7.05
CA ILE B 239 -20.68 18.31 7.05
C ILE B 239 -21.92 18.30 7.94
N VAL B 240 -23.10 18.43 7.33
CA VAL B 240 -24.31 18.70 8.08
C VAL B 240 -25.41 17.76 7.61
N PHE B 241 -26.36 17.49 8.50
CA PHE B 241 -27.52 16.69 8.12
C PHE B 241 -28.78 17.25 8.77
N GLU B 242 -29.92 16.85 8.23
CA GLU B 242 -31.19 17.34 8.71
C GLU B 242 -31.50 16.76 10.09
N ASP B 243 -31.97 17.61 10.99
CA ASP B 243 -32.37 17.15 12.31
C ASP B 243 -33.59 16.26 12.12
N PRO B 244 -33.54 15.00 12.55
CA PRO B 244 -34.68 14.09 12.27
C PRO B 244 -35.96 14.53 12.95
N LYS B 245 -35.87 15.18 14.11
CA LYS B 245 -37.05 15.65 14.80
C LYS B 245 -37.39 17.11 14.54
N ILE B 246 -36.49 17.92 14.01
CA ILE B 246 -36.84 19.35 13.95
C ILE B 246 -36.70 19.94 12.57
N PRO B 247 -37.80 20.26 11.92
CA PRO B 247 -37.77 20.67 10.52
C PRO B 247 -36.83 21.84 10.28
N GLY B 248 -35.95 21.69 9.29
CA GLY B 248 -35.18 22.86 8.92
C GLY B 248 -33.98 23.13 9.78
N GLU B 249 -33.68 22.27 10.75
CA GLU B 249 -32.51 22.44 11.59
C GLU B 249 -31.40 21.49 11.12
N LYS B 250 -30.26 22.07 10.77
CA LYS B 250 -29.05 21.33 10.44
C LYS B 250 -28.33 21.03 11.75
N GLN B 251 -27.85 19.80 11.91
CA GLN B 251 -26.94 19.45 12.99
C GLN B 251 -25.59 19.00 12.42
N PHE B 252 -24.50 19.50 13.03
CA PHE B 252 -23.13 19.26 12.54
C PHE B 252 -22.58 17.91 13.03
N ALA B 253 -21.87 17.22 12.13
CA ALA B 253 -21.29 15.92 12.46
C ALA B 253 -20.18 16.02 13.50
N TYR B 254 -20.00 14.93 14.25
CA TYR B 254 -18.89 14.76 15.19
C TYR B 254 -17.82 13.90 14.51
N GLN B 255 -16.57 14.36 14.58
CA GLN B 255 -15.49 13.78 13.80
C GLN B 255 -14.34 13.36 14.69
N ASN B 256 -13.64 12.29 14.27
CA ASN B 256 -12.37 11.85 14.84
C ASN B 256 -11.35 11.70 13.73
N SER B 257 -10.07 11.73 14.10
CA SER B 257 -9.04 11.39 13.15
C SER B 257 -7.92 10.76 13.96
N TRP B 258 -7.16 9.85 13.33
CA TRP B 258 -6.15 9.11 14.06
C TRP B 258 -5.07 8.58 13.10
N GLY B 259 -3.83 8.53 13.59
CA GLY B 259 -2.66 8.26 12.76
C GLY B 259 -1.53 7.53 13.47
N LEU B 260 -0.84 6.63 12.73
CA LEU B 260 0.32 5.84 13.17
C LEU B 260 1.28 5.69 12.00
N THR B 261 2.59 5.74 12.27
CA THR B 261 3.59 5.88 11.20
C THR B 261 4.75 4.89 11.34
N THR B 262 5.66 4.93 10.37
CA THR B 262 6.84 4.08 10.40
C THR B 262 7.81 4.48 11.49
N ARG B 263 7.50 5.55 12.24
CA ARG B 263 8.23 5.86 13.46
C ARG B 263 8.18 4.71 14.45
N THR B 264 7.11 3.91 14.42
CA THR B 264 7.12 2.65 15.14
C THR B 264 8.45 1.88 14.96
N ILE B 265 8.91 1.69 13.71
CA ILE B 265 10.07 0.82 13.46
C ILE B 265 11.32 1.38 14.10
N GLY B 266 11.52 2.70 14.03
CA GLY B 266 12.62 3.30 14.77
C GLY B 266 12.51 3.08 16.28
N VAL B 267 11.30 3.20 16.83
CA VAL B 267 11.17 3.06 18.29
C VAL B 267 11.53 1.63 18.71
N MET B 268 10.95 0.63 18.04
CA MET B 268 11.40 -0.76 18.23
C MET B 268 12.92 -0.87 18.15
N THR B 269 13.54 -0.16 17.21
CA THR B 269 14.99 -0.21 17.09
C THR B 269 15.69 0.36 18.32
N MET B 270 15.26 1.55 18.76
CA MET B 270 15.84 2.22 19.91
C MET B 270 15.56 1.47 21.21
N VAL B 271 14.43 0.77 21.28
CA VAL B 271 14.08 0.07 22.52
C VAL B 271 14.84 -1.25 22.64
N HIS B 272 14.68 -2.16 21.68
CA HIS B 272 15.20 -3.52 21.82
C HIS B 272 16.61 -3.70 21.27
N GLY B 273 17.11 -2.77 20.44
CA GLY B 273 18.43 -2.95 19.87
C GLY B 273 19.51 -2.98 20.92
N ASP B 274 20.56 -3.76 20.66
CA ASP B 274 21.68 -3.94 21.57
C ASP B 274 22.98 -3.66 20.83
N ASN B 275 24.12 -3.95 21.44
CA ASN B 275 25.39 -3.53 20.89
C ASN B 275 25.88 -4.45 19.79
N MET B 276 25.11 -5.49 19.47
CA MET B 276 25.34 -6.29 18.29
C MET B 276 24.41 -5.98 17.14
N GLY B 277 23.42 -5.10 17.35
CA GLY B 277 22.56 -4.67 16.27
C GLY B 277 21.09 -4.85 16.56
N LEU B 278 20.31 -5.01 15.50
CA LEU B 278 18.87 -5.09 15.63
C LEU B 278 18.46 -6.30 16.45
N VAL B 279 17.31 -6.19 17.11
CA VAL B 279 16.64 -7.31 17.75
C VAL B 279 15.16 -7.23 17.36
N LEU B 280 14.70 -8.20 16.60
CA LEU B 280 13.32 -8.26 16.12
C LEU B 280 12.42 -9.01 17.11
N PRO B 281 11.32 -8.40 17.56
CA PRO B 281 10.28 -9.19 18.25
C PRO B 281 9.66 -10.22 17.32
N PRO B 282 9.54 -11.47 17.78
CA PRO B 282 9.03 -12.55 16.92
C PRO B 282 7.71 -12.27 16.23
N ARG B 283 6.82 -11.48 16.81
CA ARG B 283 5.53 -11.40 16.14
C ARG B 283 5.59 -10.60 14.85
N VAL B 284 6.68 -9.86 14.61
CA VAL B 284 6.85 -9.09 13.39
C VAL B 284 8.09 -9.49 12.59
N ALA B 285 8.90 -10.43 13.08
CA ALA B 285 10.07 -10.88 12.31
C ALA B 285 9.65 -11.61 11.05
N CYS B 286 10.09 -11.13 9.89
CA CYS B 286 9.75 -11.85 8.68
C CYS B 286 10.55 -13.14 8.54
N VAL B 287 11.69 -13.23 9.22
CA VAL B 287 12.39 -14.48 9.47
C VAL B 287 12.43 -14.66 10.99
N GLN B 288 11.72 -15.63 11.51
CA GLN B 288 11.79 -15.87 12.94
C GLN B 288 12.92 -16.80 13.30
N VAL B 289 13.20 -17.77 12.42
CA VAL B 289 14.24 -18.78 12.56
C VAL B 289 15.08 -18.80 11.30
N VAL B 290 16.40 -18.69 11.45
CA VAL B 290 17.35 -18.94 10.36
C VAL B 290 18.10 -20.23 10.66
N ILE B 291 18.22 -21.09 9.65
CA ILE B 291 19.00 -22.35 9.70
C ILE B 291 20.37 -22.10 9.09
N ILE B 292 21.43 -22.36 9.84
CA ILE B 292 22.80 -22.20 9.36
C ILE B 292 23.55 -23.51 9.53
N PRO B 293 24.09 -24.08 8.45
CA PRO B 293 24.95 -25.26 8.56
C PRO B 293 26.39 -24.95 9.00
N CYS B 294 26.91 -25.78 9.91
CA CYS B 294 28.26 -25.61 10.42
C CYS B 294 29.14 -26.83 10.15
N GLY B 295 30.44 -26.60 10.00
CA GLY B 295 31.41 -27.67 9.84
C GLY B 295 31.81 -27.93 8.40
N GLU B 303 31.30 -33.93 -1.10
CA GLU B 303 31.41 -34.92 -0.04
C GLU B 303 30.07 -35.53 0.42
N ASP B 304 30.19 -36.21 1.57
CA ASP B 304 29.07 -36.63 2.39
C ASP B 304 28.15 -35.45 2.62
N LYS B 305 28.72 -34.24 2.69
CA LYS B 305 28.19 -32.97 3.17
C LYS B 305 26.73 -32.86 2.78
N GLU B 306 26.37 -33.26 1.55
CA GLU B 306 24.98 -33.20 1.12
C GLU B 306 24.01 -33.78 2.15
N ALA B 307 24.45 -34.68 3.05
CA ALA B 307 23.56 -35.10 4.13
C ALA B 307 23.29 -33.96 5.11
N LEU B 308 24.29 -33.10 5.34
CA LEU B 308 24.12 -31.93 6.22
C LEU B 308 23.13 -30.94 5.62
N ILE B 309 23.14 -30.78 4.29
CA ILE B 309 22.19 -29.86 3.67
C ILE B 309 20.79 -30.47 3.61
N ALA B 310 20.69 -31.79 3.42
CA ALA B 310 19.38 -32.43 3.47
C ALA B 310 18.78 -32.37 4.86
N LYS B 311 19.62 -32.34 5.90
CA LYS B 311 19.11 -32.21 7.25
C LYS B 311 18.61 -30.79 7.52
N CYS B 312 19.37 -29.79 7.07
CA CYS B 312 18.89 -28.41 7.13
C CYS B 312 17.55 -28.29 6.41
N ASN B 313 17.49 -28.77 5.18
CA ASN B 313 16.28 -28.76 4.36
C ASN B 313 15.24 -29.74 4.83
N ASP B 314 15.49 -30.51 5.90
CA ASP B 314 14.46 -31.29 6.56
C ASP B 314 13.83 -30.53 7.71
N TYR B 315 14.52 -29.50 8.19
CA TYR B 315 13.86 -28.54 9.05
C TYR B 315 12.90 -27.67 8.23
N ARG B 316 13.20 -27.50 6.92
CA ARG B 316 12.20 -27.50 5.85
C ARG B 316 10.87 -26.89 6.25
N ARG B 317 9.83 -27.67 6.01
CA ARG B 317 8.46 -27.46 6.40
C ARG B 317 8.29 -27.86 7.84
N ARG B 318 9.13 -28.77 8.32
CA ARG B 318 9.07 -29.16 9.72
C ARG B 318 8.96 -27.91 10.56
N LEU B 319 9.63 -26.84 10.11
CA LEU B 319 9.36 -25.51 10.65
C LEU B 319 8.28 -24.75 9.87
N LEU B 320 8.24 -24.84 8.53
CA LEU B 320 7.16 -24.18 7.78
C LEU B 320 5.79 -24.77 8.13
N SER B 321 5.72 -26.08 8.41
CA SER B 321 4.47 -26.78 8.69
C SER B 321 3.89 -26.39 10.03
N VAL B 322 4.70 -25.84 10.93
CA VAL B 322 4.22 -25.26 12.18
C VAL B 322 4.10 -23.75 12.05
N ASN B 323 4.03 -23.27 10.80
CA ASN B 323 3.79 -21.86 10.48
C ASN B 323 4.79 -20.96 11.18
N ILE B 324 6.04 -21.40 11.14
CA ILE B 324 7.17 -20.58 11.57
C ILE B 324 7.83 -20.02 10.32
N ARG B 325 8.04 -18.71 10.30
CA ARG B 325 8.82 -18.10 9.23
C ARG B 325 10.28 -18.53 9.38
N VAL B 326 10.81 -19.22 8.36
CA VAL B 326 12.14 -19.80 8.43
C VAL B 326 12.90 -19.47 7.17
N ARG B 327 14.21 -19.25 7.32
CA ARG B 327 15.12 -19.08 6.19
C ARG B 327 16.25 -20.07 6.36
N ALA B 328 16.49 -20.91 5.36
CA ALA B 328 17.68 -21.75 5.32
C ALA B 328 18.74 -20.99 4.54
N ASP B 329 19.77 -20.50 5.23
CA ASP B 329 20.91 -19.87 4.57
C ASP B 329 21.91 -20.96 4.23
N LEU B 330 21.74 -21.54 3.05
CA LEU B 330 22.60 -22.61 2.58
C LEU B 330 23.66 -22.09 1.62
N ARG B 331 23.81 -20.77 1.52
CA ARG B 331 24.74 -20.23 0.54
C ARG B 331 26.15 -20.75 0.81
N ASP B 332 26.77 -21.32 -0.22
CA ASP B 332 28.12 -21.84 -0.14
C ASP B 332 29.17 -20.75 -0.09
N ASN B 333 28.77 -19.49 -0.35
CA ASN B 333 29.71 -18.42 -0.64
C ASN B 333 30.08 -17.60 0.58
N TYR B 334 29.46 -17.88 1.73
CA TYR B 334 29.77 -17.22 2.99
C TYR B 334 30.05 -18.27 4.07
N SER B 335 30.98 -17.94 4.97
CA SER B 335 31.32 -18.81 6.08
C SER B 335 30.16 -18.87 7.08
N PRO B 336 30.13 -19.89 7.94
CA PRO B 336 29.13 -19.90 9.02
C PRO B 336 29.24 -18.68 9.91
N GLY B 337 30.47 -18.31 10.28
CA GLY B 337 30.65 -17.13 11.10
C GLY B 337 30.10 -15.88 10.44
N TRP B 338 30.25 -15.78 9.12
CA TRP B 338 29.65 -14.65 8.42
C TRP B 338 28.13 -14.67 8.57
N LYS B 339 27.52 -15.83 8.34
CA LYS B 339 26.08 -15.93 8.52
C LYS B 339 25.68 -15.58 9.94
N PHE B 340 26.45 -16.04 10.95
CA PHE B 340 26.12 -15.77 12.34
C PHE B 340 25.94 -14.28 12.58
N ASN B 341 26.96 -13.52 12.16
CA ASN B 341 26.99 -12.10 12.41
C ASN B 341 25.97 -11.37 11.52
N HIS B 342 25.79 -11.86 10.28
CA HIS B 342 24.82 -11.27 9.38
C HIS B 342 23.39 -11.35 9.93
N TRP B 343 23.00 -12.52 10.45
CA TRP B 343 21.62 -12.63 10.88
C TRP B 343 21.39 -12.04 12.27
N GLU B 344 22.42 -11.97 13.10
CA GLU B 344 22.27 -11.30 14.39
C GLU B 344 22.12 -9.81 14.19
N LEU B 345 22.89 -9.24 13.26
CA LEU B 345 22.73 -7.82 12.94
C LEU B 345 21.31 -7.51 12.51
N LYS B 346 20.66 -8.44 11.81
CA LYS B 346 19.29 -8.27 11.35
C LYS B 346 18.26 -8.56 12.44
N GLY B 347 18.68 -9.16 13.55
CA GLY B 347 17.82 -9.35 14.71
C GLY B 347 16.93 -10.58 14.68
N VAL B 348 17.36 -11.64 13.98
CA VAL B 348 16.56 -12.85 13.83
C VAL B 348 16.47 -13.54 15.19
N PRO B 349 15.27 -13.73 15.75
CA PRO B 349 15.17 -14.24 17.12
C PRO B 349 15.92 -15.54 17.40
N ILE B 350 15.92 -16.52 16.49
CA ILE B 350 16.59 -17.79 16.76
C ILE B 350 17.49 -18.19 15.59
N ARG B 351 18.75 -18.51 15.91
CA ARG B 351 19.69 -19.16 15.00
C ARG B 351 19.67 -20.66 15.29
N LEU B 352 19.34 -21.46 14.30
CA LEU B 352 19.43 -22.91 14.40
C LEU B 352 20.68 -23.33 13.64
N GLU B 353 21.69 -23.82 14.38
CA GLU B 353 22.95 -24.31 13.82
C GLU B 353 22.91 -25.83 13.73
N VAL B 354 23.29 -26.37 12.58
CA VAL B 354 23.41 -27.81 12.42
C VAL B 354 24.86 -28.11 12.08
N GLY B 355 25.51 -28.91 12.92
CA GLY B 355 26.83 -29.39 12.63
C GLY B 355 26.81 -30.89 12.45
N PRO B 356 27.87 -31.43 11.84
CA PRO B 356 27.94 -32.88 11.64
C PRO B 356 27.78 -33.67 12.94
N ARG B 357 28.43 -33.19 14.01
CA ARG B 357 28.27 -33.77 15.34
C ARG B 357 26.80 -34.03 15.63
N ASP B 358 25.97 -33.04 15.36
CA ASP B 358 24.57 -33.08 15.75
C ASP B 358 23.66 -33.80 14.78
N MET B 359 24.04 -33.91 13.50
CA MET B 359 23.21 -34.67 12.59
C MET B 359 23.05 -36.10 13.06
N LYS B 360 24.16 -36.69 13.51
CA LYS B 360 24.26 -38.08 13.91
C LYS B 360 24.10 -38.30 15.41
N SER B 361 24.09 -37.23 16.21
CA SER B 361 23.60 -37.32 17.57
C SER B 361 22.15 -36.86 17.64
N CYS B 362 21.54 -36.65 16.48
CA CYS B 362 20.14 -36.24 16.31
C CYS B 362 19.80 -35.08 17.24
N GLN B 363 20.60 -34.03 17.11
CA GLN B 363 20.48 -32.80 17.87
C GLN B 363 20.68 -31.61 16.93
N PHE B 364 20.41 -30.42 17.47
CA PHE B 364 20.82 -29.17 16.88
C PHE B 364 20.98 -28.17 18.01
N VAL B 365 21.47 -26.97 17.68
CA VAL B 365 21.67 -25.93 18.68
C VAL B 365 20.89 -24.69 18.26
N ALA B 366 20.27 -24.01 19.24
CA ALA B 366 19.48 -22.80 19.05
C ALA B 366 20.04 -21.67 19.90
N VAL B 367 20.20 -20.49 19.31
CA VAL B 367 20.82 -19.34 19.98
C VAL B 367 19.84 -18.18 19.97
N ARG B 368 19.39 -17.78 21.17
CA ARG B 368 18.38 -16.73 21.31
C ARG B 368 19.01 -15.37 21.10
N ARG B 369 18.36 -14.52 20.32
CA ARG B 369 18.98 -13.25 19.97
C ARG B 369 18.96 -12.25 21.14
N ASP B 370 18.08 -12.45 22.13
CA ASP B 370 18.00 -11.50 23.25
C ASP B 370 18.97 -11.82 24.37
N THR B 371 19.13 -13.10 24.70
CA THR B 371 19.96 -13.53 25.82
C THR B 371 21.32 -14.03 25.37
N GLY B 372 21.45 -14.45 24.11
CA GLY B 372 22.65 -15.10 23.66
C GLY B 372 22.72 -16.57 24.02
N GLU B 373 21.69 -17.06 24.71
CA GLU B 373 21.69 -18.41 25.21
C GLU B 373 21.76 -19.41 24.06
N LYS B 374 22.68 -20.36 24.16
CA LYS B 374 22.79 -21.47 23.23
C LYS B 374 22.19 -22.71 23.89
N LEU B 375 21.35 -23.42 23.16
CA LEU B 375 20.64 -24.55 23.76
C LEU B 375 20.54 -25.69 22.75
N THR B 376 20.87 -26.91 23.20
CA THR B 376 20.83 -28.12 22.40
C THR B 376 19.48 -28.81 22.51
N VAL B 377 18.88 -29.13 21.37
CA VAL B 377 17.54 -29.70 21.30
C VAL B 377 17.58 -31.04 20.57
N ALA B 378 16.74 -31.98 21.00
CA ALA B 378 16.58 -33.23 20.26
C ALA B 378 16.03 -32.94 18.87
N GLU B 379 16.50 -33.69 17.88
CA GLU B 379 16.16 -33.37 16.49
C GLU B 379 14.66 -33.28 16.28
N ASN B 380 13.91 -34.14 16.94
CA ASN B 380 12.50 -34.23 16.60
C ASN B 380 11.65 -33.38 17.55
N GLU B 381 12.27 -32.78 18.58
CA GLU B 381 11.71 -31.73 19.45
C GLU B 381 11.77 -30.34 18.84
N ALA B 382 12.15 -30.21 17.57
CA ALA B 382 12.28 -28.90 16.93
C ALA B 382 10.98 -28.11 17.00
N GLU B 383 9.88 -28.68 16.51
CA GLU B 383 8.63 -27.94 16.36
C GLU B 383 8.17 -27.34 17.68
N THR B 384 7.98 -28.19 18.70
CA THR B 384 7.47 -27.70 19.98
C THR B 384 8.42 -26.71 20.61
N LYS B 385 9.69 -27.09 20.75
CA LYS B 385 10.55 -26.30 21.62
C LYS B 385 10.90 -24.97 20.95
N LEU B 386 11.03 -24.97 19.61
CA LEU B 386 11.29 -23.73 18.89
C LEU B 386 10.14 -22.75 19.04
N GLN B 387 8.90 -23.24 18.95
CA GLN B 387 7.77 -22.35 19.20
C GLN B 387 7.82 -21.80 20.62
N ALA B 388 8.11 -22.65 21.61
CA ALA B 388 8.23 -22.18 22.98
C ALA B 388 9.32 -21.13 23.13
N ILE B 389 10.41 -21.22 22.36
CA ILE B 389 11.47 -20.22 22.52
C ILE B 389 11.05 -18.90 21.92
N LEU B 390 10.38 -18.93 20.77
CA LEU B 390 9.94 -17.69 20.15
C LEU B 390 8.85 -17.00 20.95
N GLU B 391 7.96 -17.76 21.59
CA GLU B 391 7.01 -17.12 22.49
C GLU B 391 7.73 -16.50 23.70
N ASP B 392 8.79 -17.14 24.19
CA ASP B 392 9.44 -16.68 25.42
C ASP B 392 10.32 -15.47 25.14
N ILE B 393 10.95 -15.46 23.97
CA ILE B 393 11.73 -14.31 23.53
C ILE B 393 10.85 -13.05 23.50
N GLN B 394 9.66 -13.17 22.89
CA GLN B 394 8.68 -12.07 22.91
C GLN B 394 8.39 -11.60 24.34
N VAL B 395 7.99 -12.52 25.22
CA VAL B 395 7.73 -12.15 26.62
C VAL B 395 8.97 -11.55 27.27
N THR B 396 10.15 -12.12 26.99
CA THR B 396 11.38 -11.56 27.52
C THR B 396 11.56 -10.11 27.10
N LEU B 397 11.40 -9.86 25.79
CA LEU B 397 11.62 -8.52 25.24
C LEU B 397 10.63 -7.51 25.78
N PHE B 398 9.36 -7.90 25.95
CA PHE B 398 8.41 -6.97 26.55
C PHE B 398 8.67 -6.78 28.04
N THR B 399 9.16 -7.84 28.72
CA THR B 399 9.42 -7.74 30.15
C THR B 399 10.60 -6.82 30.44
N ARG B 400 11.72 -6.98 29.70
CA ARG B 400 12.81 -6.04 29.92
C ARG B 400 12.41 -4.61 29.64
N ALA B 401 11.62 -4.38 28.60
CA ALA B 401 11.23 -3.01 28.32
C ALA B 401 10.21 -2.50 29.32
N SER B 402 9.35 -3.39 29.85
CA SER B 402 8.44 -2.98 30.92
C SER B 402 9.22 -2.57 32.16
N GLU B 403 10.11 -3.46 32.62
CA GLU B 403 10.87 -3.24 33.86
C GLU B 403 11.85 -2.09 33.72
N ASP B 404 12.16 -1.67 32.50
CA ASP B 404 13.01 -0.52 32.29
C ASP B 404 12.21 0.77 32.28
N LEU B 405 10.92 0.70 31.93
CA LEU B 405 10.04 1.84 32.08
C LEU B 405 9.60 2.00 33.53
N LYS B 406 9.36 0.89 34.23
CA LYS B 406 9.13 1.01 35.67
C LYS B 406 10.27 1.78 36.32
N THR B 407 11.50 1.34 36.06
CA THR B 407 12.68 1.95 36.67
C THR B 407 12.80 3.43 36.32
N HIS B 408 12.48 3.80 35.08
CA HIS B 408 12.82 5.13 34.59
C HIS B 408 11.65 6.10 34.61
N MET B 409 10.54 5.74 35.25
CA MET B 409 9.37 6.62 35.32
C MET B 409 8.94 6.72 36.78
N VAL B 410 9.16 7.89 37.40
CA VAL B 410 8.97 8.07 38.84
C VAL B 410 8.22 9.37 39.10
N VAL B 411 7.99 9.66 40.40
CA VAL B 411 7.20 10.80 40.86
C VAL B 411 8.09 11.92 41.37
N ALA B 412 7.70 13.15 41.08
CA ALA B 412 8.20 14.29 41.81
C ALA B 412 7.04 15.23 42.04
N ASN B 413 6.99 15.82 43.23
CA ASN B 413 5.98 16.81 43.58
C ASN B 413 6.60 18.19 43.77
N THR B 414 7.92 18.30 43.64
CA THR B 414 8.66 19.55 43.78
C THR B 414 9.45 19.81 42.51
N MET B 415 9.53 21.09 42.13
CA MET B 415 10.43 21.48 41.04
C MET B 415 11.86 21.08 41.33
N GLU B 416 12.23 20.98 42.61
CA GLU B 416 13.60 20.65 42.96
C GLU B 416 13.93 19.23 42.56
N ASP B 417 13.10 18.29 43.01
CA ASP B 417 13.36 16.88 42.76
C ASP B 417 12.92 16.47 41.37
N PHE B 418 11.96 17.18 40.79
CA PHE B 418 11.65 16.96 39.38
C PHE B 418 12.86 17.28 38.52
N GLN B 419 13.52 18.41 38.81
CA GLN B 419 14.73 18.79 38.09
C GLN B 419 15.90 17.88 38.46
N LYS B 420 16.05 17.60 39.75
CA LYS B 420 17.05 16.64 40.19
C LYS B 420 16.89 15.35 39.43
N ILE B 421 15.65 14.89 39.25
CA ILE B 421 15.47 13.61 38.60
C ILE B 421 15.46 13.73 37.09
N LEU B 422 14.90 14.79 36.51
CA LEU B 422 14.85 14.89 35.05
C LEU B 422 16.23 14.68 34.42
N ASP B 423 17.24 15.39 34.92
CA ASP B 423 18.51 15.48 34.21
C ASP B 423 19.39 14.24 34.35
N SER B 424 19.02 13.28 35.18
CA SER B 424 19.76 12.01 35.26
C SER B 424 19.04 10.91 34.48
N GLY B 425 18.38 11.30 33.38
CA GLY B 425 17.77 10.40 32.41
C GLY B 425 16.44 9.78 32.77
N LYS B 426 15.50 10.63 33.21
CA LYS B 426 14.24 10.20 33.79
C LYS B 426 13.07 10.97 33.19
N ILE B 427 11.92 10.29 33.13
CA ILE B 427 10.62 10.91 32.86
C ILE B 427 9.76 10.75 34.10
N VAL B 428 9.04 11.82 34.47
CA VAL B 428 8.43 11.93 35.79
C VAL B 428 7.07 12.59 35.66
N GLN B 429 6.10 12.06 36.41
CA GLN B 429 4.76 12.63 36.46
C GLN B 429 4.68 13.67 37.58
N ILE B 430 4.35 14.90 37.22
CA ILE B 430 4.30 16.00 38.18
C ILE B 430 2.90 16.60 38.25
N PRO B 431 2.48 17.12 39.40
CA PRO B 431 1.25 17.91 39.45
C PRO B 431 1.39 19.15 38.57
N PHE B 432 0.30 19.53 37.92
CA PHE B 432 0.40 20.52 36.86
C PHE B 432 -0.78 21.49 36.87
N CYS B 433 -0.48 22.79 36.74
CA CYS B 433 -1.51 23.78 36.49
C CYS B 433 -2.42 23.37 35.35
N GLY B 434 -1.83 22.96 34.22
CA GLY B 434 -2.55 22.73 33.00
C GLY B 434 -2.52 23.88 32.02
N GLU B 435 -2.02 25.05 32.42
CA GLU B 435 -2.05 26.23 31.58
C GLU B 435 -0.75 26.41 30.81
N ILE B 436 -0.87 27.03 29.62
CA ILE B 436 0.19 26.95 28.62
C ILE B 436 1.45 27.64 29.11
N ASP B 437 1.33 28.94 29.39
CA ASP B 437 2.47 29.73 29.81
C ASP B 437 3.19 29.11 31.02
N CYS B 438 2.49 28.39 31.91
CA CYS B 438 3.21 27.60 32.91
C CYS B 438 4.02 26.53 32.19
N GLU B 439 3.41 25.86 31.20
CA GLU B 439 4.13 24.80 30.49
C GLU B 439 5.35 25.33 29.75
N ASP B 440 5.22 26.50 29.14
CA ASP B 440 6.38 27.19 28.61
C ASP B 440 7.42 27.43 29.69
N TRP B 441 6.98 27.81 30.89
CA TRP B 441 7.92 28.11 31.96
C TRP B 441 8.69 26.86 32.37
N ILE B 442 7.99 25.73 32.53
CA ILE B 442 8.71 24.50 32.88
C ILE B 442 9.67 24.11 31.76
N LYS B 443 9.31 24.46 30.52
CA LYS B 443 10.13 24.07 29.38
C LYS B 443 11.51 24.74 29.43
N LYS B 444 11.56 26.01 29.86
CA LYS B 444 12.79 26.78 29.81
C LYS B 444 13.62 26.65 31.08
N THR B 445 12.96 26.39 32.22
CA THR B 445 13.70 26.17 33.46
C THR B 445 14.59 24.94 33.37
N THR B 446 14.02 23.80 32.98
CA THR B 446 14.77 22.55 33.01
C THR B 446 15.83 22.47 31.91
N ALA B 447 15.82 23.39 30.96
CA ALA B 447 16.85 23.49 29.93
C ALA B 447 18.11 24.18 30.47
N GLY B 460 15.25 20.76 27.42
CA GLY B 460 14.16 20.95 28.36
C GLY B 460 13.08 19.92 28.14
N ALA B 461 12.21 19.84 29.14
CA ALA B 461 11.13 18.87 29.21
C ALA B 461 9.86 19.39 28.51
N LYS B 462 9.17 18.50 27.79
CA LYS B 462 7.82 18.82 27.38
C LYS B 462 6.85 18.12 28.28
N SER B 463 5.57 18.43 28.09
CA SER B 463 4.51 17.54 28.53
C SER B 463 4.40 16.42 27.54
N LEU B 464 4.35 15.19 28.04
CA LEU B 464 4.13 14.08 27.13
C LEU B 464 2.64 13.78 27.01
N CYS B 465 1.99 13.48 28.13
CA CYS B 465 0.55 13.25 28.20
C CYS B 465 0.13 13.34 29.66
N ILE B 466 -1.16 13.58 29.87
CA ILE B 466 -1.79 13.40 31.19
C ILE B 466 -2.26 11.95 31.26
N PRO B 467 -1.64 11.08 32.05
CA PRO B 467 -1.97 9.65 32.00
C PRO B 467 -3.42 9.37 32.40
N PHE B 468 -4.00 8.36 31.76
CA PHE B 468 -5.31 7.89 32.16
C PHE B 468 -5.28 7.32 33.56
N LYS B 469 -4.22 6.55 33.87
CA LYS B 469 -3.95 5.96 35.19
C LYS B 469 -2.57 6.39 35.68
N PRO B 470 -2.55 7.54 36.20
CA PRO B 470 -1.36 8.09 36.82
C PRO B 470 -0.97 7.40 38.10
N LEU B 471 0.15 7.90 38.63
CA LEU B 471 0.96 7.43 39.75
C LEU B 471 0.17 6.91 40.95
N CYS B 472 -0.64 7.84 41.47
CA CYS B 472 -1.43 7.76 42.68
C CYS B 472 -2.42 8.89 42.57
N GLU B 473 -3.28 8.98 43.56
CA GLU B 473 -4.30 10.00 43.56
C GLU B 473 -3.72 11.34 43.98
N LEU B 474 -4.20 12.40 43.30
CA LEU B 474 -3.87 13.79 43.64
C LEU B 474 -5.04 14.47 44.38
N ASN B 485 -0.78 28.51 41.42
CA ASN B 485 -1.89 27.78 40.81
C ASN B 485 -1.96 26.34 41.24
N PRO B 486 -3.17 25.85 41.48
CA PRO B 486 -3.33 24.48 41.98
C PRO B 486 -3.10 23.46 40.88
N ALA B 487 -2.77 22.25 41.31
CA ALA B 487 -2.61 21.15 40.37
C ALA B 487 -3.98 20.74 39.83
N LYS B 488 -4.09 20.66 38.50
CA LYS B 488 -5.26 20.04 37.90
C LYS B 488 -5.05 18.54 37.67
N TYR B 489 -3.85 18.15 37.24
CA TYR B 489 -3.58 16.76 36.89
C TYR B 489 -2.12 16.44 37.19
N TYR B 490 -1.88 15.21 37.62
CA TYR B 490 -0.56 14.64 37.45
C TYR B 490 -0.34 14.46 35.97
N THR B 491 0.74 15.02 35.46
CA THR B 491 1.05 14.94 34.03
C THR B 491 2.49 14.46 33.86
N LEU B 492 2.69 13.56 32.91
CA LEU B 492 4.00 12.95 32.69
C LEU B 492 4.86 13.90 31.87
N PHE B 493 6.04 14.27 32.40
CA PHE B 493 6.96 15.22 31.76
C PHE B 493 8.29 14.57 31.38
N GLY B 494 8.95 15.10 30.36
CA GLY B 494 10.29 14.65 29.98
C GLY B 494 10.78 15.36 28.73
N ARG B 495 12.07 15.23 28.47
CA ARG B 495 12.59 15.60 27.16
C ARG B 495 12.11 14.60 26.11
N SER B 496 11.80 15.11 24.93
CA SER B 496 11.12 14.28 23.97
C SER B 496 11.59 14.63 22.57
N TYR B 497 11.47 13.65 21.67
CA TYR B 497 11.67 13.86 20.26
C TYR B 497 10.60 14.80 19.70
#